data_1O0S
#
_entry.id   1O0S
#
_cell.length_a   130.947
_cell.length_b   130.947
_cell.length_c   149.128
_cell.angle_alpha   90.00
_cell.angle_beta   90.00
_cell.angle_gamma   120.00
#
_symmetry.space_group_name_H-M   'P 31 2 1'
#
loop_
_entity.id
_entity.type
_entity.pdbx_description
1 polymer 'NAD-dependent malic enzyme'
2 non-polymer TARTRONATE
3 non-polymer '1,4-DIHYDRONICOTINAMIDE ADENINE DINUCLEOTIDE'
4 water water
#
_entity_poly.entity_id   1
_entity_poly.type   'polypeptide(L)'
_entity_poly.pdbx_seq_one_letter_code
;KSVAHHEDVYSHNLPPMDEKEMALYKLYRPERVTPKKRSAELLKEPRLNKGMGFSLYERQYLGLHGLLPPAFMTQEQQAY
RVITKLREQPNDLARYIQLDGLQDRNEKLFYRVVCDHVKELMPIVYTPTVGLACQNFGYIYRKPKGLYITINDNSVSKIY
QILSNWHEEDVRAIVVTDGERILGLGDLGAYGIGIPVGKLALYVALGGVQPKWCLPVLLDVGTNNMDLLNDPFYIGLRHK
RVRGKDYDTLLDNFMKACTKKYGQKTLIQFEDFANPNAFRLLDKYQDKYTMFNDDIQGTASVIVAGLLTCTRVTKKLVSQ
EKYLFFGAGAASTGIAEMIVHQMQNEGISKEEACNRIYLMDIDGLVTKNRKEMNPRHVQFAKDMPETTSILEVIRAARPG
ALIGASTVRGAFNEEVIRAMAEINERPIIFALSNPTSKAECTAEEAYTFTNGAALYASGSPFPNFELNGHTYKPGQGNNA
YIFPGVALGTILFQIRHVDNDLFLLAAKKVASCVTEDSLKVGRVYPQLKEIREISIQIAVEMAKYCYKNGTANLYPQPED
LEKYVRAQVYNTEYEELINATYDWPEQDMRHGFPVPVVRHDSMDG
;
_entity_poly.pdbx_strand_id   A,B
#
loop_
_chem_comp.id
_chem_comp.type
_chem_comp.name
_chem_comp.formula
NAI non-polymer '1,4-DIHYDRONICOTINAMIDE ADENINE DINUCLEOTIDE' 'C21 H29 N7 O14 P2'
TTN non-polymer TARTRONATE 'C3 H2 O5 -2'
#
# COMPACT_ATOMS: atom_id res chain seq x y z
N SER A 2 -15.53 -21.18 -27.80
CA SER A 2 -14.77 -20.65 -28.98
C SER A 2 -15.71 -20.14 -30.05
N VAL A 3 -15.18 -19.29 -30.92
CA VAL A 3 -15.97 -18.71 -31.99
C VAL A 3 -16.11 -19.65 -33.19
N ALA A 4 -17.20 -19.50 -33.95
CA ALA A 4 -17.43 -20.35 -35.12
C ALA A 4 -16.41 -20.05 -36.20
N HIS A 5 -16.17 -21.02 -37.07
CA HIS A 5 -15.19 -20.87 -38.13
C HIS A 5 -15.50 -19.75 -39.12
N HIS A 6 -16.76 -19.30 -39.16
CA HIS A 6 -17.15 -18.24 -40.07
C HIS A 6 -17.21 -16.88 -39.38
N GLU A 7 -16.81 -16.84 -38.11
CA GLU A 7 -16.82 -15.61 -37.32
C GLU A 7 -15.41 -15.12 -36.98
N ASP A 8 -15.32 -13.87 -36.57
CA ASP A 8 -14.05 -13.27 -36.18
C ASP A 8 -14.03 -13.31 -34.64
N VAL A 9 -12.86 -13.14 -34.04
CA VAL A 9 -12.78 -13.15 -32.58
C VAL A 9 -13.38 -11.85 -32.05
N TYR A 10 -13.87 -11.90 -30.82
CA TYR A 10 -14.50 -10.76 -30.15
C TYR A 10 -15.17 -9.75 -31.09
N SER A 11 -16.17 -10.24 -31.81
CA SER A 11 -16.93 -9.41 -32.73
C SER A 11 -18.43 -9.67 -32.57
N HIS A 12 -18.85 -9.91 -31.33
CA HIS A 12 -20.24 -10.20 -31.04
C HIS A 12 -21.06 -8.97 -30.66
N ASN A 13 -22.37 -9.06 -30.92
CA ASN A 13 -23.33 -8.01 -30.62
C ASN A 13 -22.81 -6.62 -31.02
N LEU A 14 -22.53 -6.45 -32.31
CA LEU A 14 -22.05 -5.18 -32.83
C LEU A 14 -23.17 -4.40 -33.53
N PRO A 15 -23.03 -3.07 -33.61
CA PRO A 15 -24.07 -2.28 -34.28
C PRO A 15 -24.02 -2.56 -35.77
N PRO A 16 -25.16 -2.47 -36.45
CA PRO A 16 -25.18 -2.73 -37.90
C PRO A 16 -24.08 -1.95 -38.59
N MET A 17 -23.35 -2.60 -39.49
CA MET A 17 -22.28 -1.92 -40.21
C MET A 17 -22.17 -2.28 -41.68
N ASP A 18 -21.81 -1.29 -42.47
CA ASP A 18 -21.61 -1.43 -43.90
C ASP A 18 -20.36 -2.26 -44.12
N GLU A 19 -20.14 -2.72 -45.34
CA GLU A 19 -18.95 -3.52 -45.64
C GLU A 19 -17.72 -2.64 -45.46
N LYS A 20 -17.88 -1.35 -45.76
CA LYS A 20 -16.79 -0.39 -45.64
C LYS A 20 -16.61 -0.02 -44.17
N GLU A 21 -17.72 0.30 -43.51
CA GLU A 21 -17.68 0.66 -42.10
C GLU A 21 -17.03 -0.47 -41.30
N MET A 22 -17.49 -1.71 -41.51
CA MET A 22 -16.96 -2.86 -40.82
C MET A 22 -15.44 -2.97 -40.92
N ALA A 23 -14.92 -2.77 -42.13
CA ALA A 23 -13.47 -2.87 -42.36
C ALA A 23 -12.71 -1.80 -41.59
N LEU A 24 -13.24 -0.58 -41.63
CA LEU A 24 -12.63 0.55 -40.95
C LEU A 24 -12.65 0.30 -39.43
N TYR A 25 -13.73 -0.32 -38.95
CA TYR A 25 -13.85 -0.64 -37.54
C TYR A 25 -12.77 -1.65 -37.14
N LYS A 26 -12.67 -2.73 -37.92
CA LYS A 26 -11.68 -3.77 -37.65
C LYS A 26 -10.25 -3.25 -37.76
N LEU A 27 -10.02 -2.30 -38.66
CA LEU A 27 -8.68 -1.75 -38.82
C LEU A 27 -8.25 -0.94 -37.60
N TYR A 28 -9.11 -0.04 -37.15
CA TYR A 28 -8.83 0.82 -36.01
C TYR A 28 -8.94 0.24 -34.60
N ARG A 29 -9.94 -0.62 -34.38
CA ARG A 29 -10.20 -1.18 -33.05
C ARG A 29 -9.03 -1.79 -32.30
N PRO A 30 -9.08 -1.69 -30.97
CA PRO A 30 -8.02 -2.23 -30.11
C PRO A 30 -8.08 -3.75 -30.10
N GLU A 31 -6.91 -4.39 -30.16
CA GLU A 31 -6.84 -5.85 -30.18
C GLU A 31 -6.52 -6.34 -28.78
N ARG A 32 -7.02 -7.54 -28.44
CA ARG A 32 -6.78 -8.10 -27.11
C ARG A 32 -5.31 -8.40 -26.88
N VAL A 33 -4.84 -8.08 -25.67
CA VAL A 33 -3.45 -8.31 -25.30
C VAL A 33 -3.44 -9.21 -24.06
N THR A 34 -2.96 -10.44 -24.23
CA THR A 34 -2.92 -11.41 -23.14
C THR A 34 -1.61 -11.31 -22.34
N PRO A 35 -1.72 -11.23 -21.01
CA PRO A 35 -0.57 -11.14 -20.11
C PRO A 35 0.21 -12.44 -19.94
N LYS A 36 1.46 -12.32 -19.51
CA LYS A 36 2.31 -13.48 -19.26
C LYS A 36 2.27 -13.85 -17.77
N LYS A 37 2.05 -12.85 -16.93
CA LYS A 37 2.02 -13.06 -15.47
C LYS A 37 0.79 -13.81 -14.97
N ARG A 38 0.95 -14.48 -13.83
CA ARG A 38 -0.13 -15.24 -13.21
C ARG A 38 -0.13 -15.07 -11.69
N SER A 39 -1.15 -15.62 -11.04
CA SER A 39 -1.26 -15.56 -9.59
C SER A 39 -0.92 -14.21 -8.99
N ALA A 40 -0.19 -14.23 -7.88
CA ALA A 40 0.18 -12.99 -7.17
C ALA A 40 0.88 -11.96 -8.05
N GLU A 41 1.75 -12.42 -8.93
CA GLU A 41 2.46 -11.51 -9.81
C GLU A 41 1.48 -10.71 -10.67
N LEU A 42 0.41 -11.35 -11.11
CA LEU A 42 -0.58 -10.65 -11.93
C LEU A 42 -1.37 -9.69 -11.05
N LEU A 43 -1.80 -10.17 -9.88
CA LEU A 43 -2.56 -9.31 -8.97
C LEU A 43 -1.77 -8.07 -8.58
N LYS A 44 -0.44 -8.17 -8.59
CA LYS A 44 0.42 -7.04 -8.21
C LYS A 44 0.71 -6.07 -9.35
N GLU A 45 0.20 -6.38 -10.55
CA GLU A 45 0.37 -5.50 -11.71
C GLU A 45 -0.90 -4.67 -11.82
N PRO A 46 -0.81 -3.37 -11.51
CA PRO A 46 -1.98 -2.49 -11.58
C PRO A 46 -2.71 -2.49 -12.92
N ARG A 47 -1.99 -2.65 -14.02
CA ARG A 47 -2.66 -2.62 -15.32
C ARG A 47 -3.44 -3.87 -15.66
N LEU A 48 -3.20 -4.94 -14.91
CA LEU A 48 -3.92 -6.19 -15.16
C LEU A 48 -4.94 -6.48 -14.06
N ASN A 49 -4.59 -6.14 -12.83
CA ASN A 49 -5.44 -6.44 -11.69
C ASN A 49 -6.81 -5.81 -11.61
N LYS A 50 -7.83 -6.66 -11.51
CA LYS A 50 -9.22 -6.22 -11.41
C LYS A 50 -9.70 -6.41 -9.98
N GLY A 51 -8.89 -7.07 -9.15
CA GLY A 51 -9.30 -7.32 -7.78
C GLY A 51 -10.48 -8.28 -7.73
N MET A 52 -11.41 -8.03 -6.84
CA MET A 52 -12.57 -8.90 -6.74
C MET A 52 -13.48 -8.75 -7.95
N GLY A 53 -13.03 -7.94 -8.91
CA GLY A 53 -13.79 -7.75 -10.13
C GLY A 53 -13.56 -8.93 -11.06
N PHE A 54 -12.62 -9.79 -10.66
CA PHE A 54 -12.28 -10.99 -11.42
C PHE A 54 -13.36 -12.05 -11.18
N SER A 55 -13.89 -12.64 -12.25
CA SER A 55 -14.91 -13.67 -12.08
C SER A 55 -14.24 -14.94 -11.59
N LEU A 56 -15.04 -15.90 -11.13
CA LEU A 56 -14.55 -17.17 -10.64
C LEU A 56 -13.77 -17.90 -11.73
N TYR A 57 -14.29 -17.89 -12.97
CA TYR A 57 -13.61 -18.58 -14.06
C TYR A 57 -12.27 -17.91 -14.33
N GLU A 58 -12.25 -16.59 -14.32
CA GLU A 58 -11.01 -15.87 -14.55
C GLU A 58 -9.97 -16.20 -13.48
N ARG A 59 -10.42 -16.27 -12.22
CA ARG A 59 -9.51 -16.55 -11.11
C ARG A 59 -8.92 -17.94 -11.18
N GLN A 60 -9.70 -18.90 -11.65
CA GLN A 60 -9.21 -20.27 -11.75
C GLN A 60 -8.23 -20.43 -12.91
N TYR A 61 -8.58 -19.86 -14.06
CA TYR A 61 -7.73 -19.94 -15.24
C TYR A 61 -6.37 -19.29 -15.06
N LEU A 62 -6.39 -18.07 -14.51
CA LEU A 62 -5.17 -17.30 -14.32
C LEU A 62 -4.38 -17.57 -13.04
N GLY A 63 -4.82 -18.55 -12.26
CA GLY A 63 -4.12 -18.87 -11.02
C GLY A 63 -4.27 -17.88 -9.89
N LEU A 64 -5.40 -17.18 -9.86
CA LEU A 64 -5.68 -16.17 -8.84
C LEU A 64 -6.61 -16.71 -7.73
N HIS A 65 -7.27 -17.83 -8.00
CA HIS A 65 -8.24 -18.35 -7.04
C HIS A 65 -7.66 -18.64 -5.67
N GLY A 66 -8.30 -18.10 -4.64
CA GLY A 66 -7.84 -18.31 -3.29
C GLY A 66 -6.99 -17.15 -2.77
N LEU A 67 -6.40 -16.38 -3.68
CA LEU A 67 -5.57 -15.25 -3.30
C LEU A 67 -6.43 -14.01 -3.08
N LEU A 68 -7.69 -14.09 -3.49
CA LEU A 68 -8.65 -13.00 -3.32
C LEU A 68 -9.82 -13.51 -2.48
N PRO A 69 -10.55 -12.59 -1.80
CA PRO A 69 -11.69 -12.94 -0.96
C PRO A 69 -12.79 -13.56 -1.85
N PRO A 70 -13.64 -14.44 -1.27
CA PRO A 70 -14.71 -15.09 -2.02
C PRO A 70 -15.91 -14.24 -2.39
N ALA A 71 -15.67 -12.98 -2.71
CA ALA A 71 -16.75 -12.08 -3.10
C ALA A 71 -16.43 -11.64 -4.52
N PHE A 72 -17.47 -11.48 -5.33
CA PHE A 72 -17.30 -11.07 -6.72
C PHE A 72 -18.01 -9.74 -6.96
N MET A 73 -17.33 -8.82 -7.61
CA MET A 73 -17.92 -7.50 -7.84
C MET A 73 -17.86 -7.03 -9.27
N THR A 74 -18.65 -5.99 -9.56
CA THR A 74 -18.68 -5.37 -10.88
C THR A 74 -17.79 -4.16 -10.64
N GLN A 75 -17.28 -3.56 -11.71
CA GLN A 75 -16.43 -2.40 -11.54
C GLN A 75 -17.22 -1.28 -10.87
N GLU A 76 -18.52 -1.21 -11.15
CA GLU A 76 -19.38 -0.18 -10.56
C GLU A 76 -19.48 -0.33 -9.04
N GLN A 77 -19.68 -1.55 -8.59
CA GLN A 77 -19.76 -1.81 -7.16
C GLN A 77 -18.40 -1.48 -6.50
N GLN A 78 -17.32 -1.73 -7.22
CA GLN A 78 -15.99 -1.46 -6.70
C GLN A 78 -15.77 0.05 -6.59
N ALA A 79 -16.25 0.80 -7.59
CA ALA A 79 -16.09 2.24 -7.58
C ALA A 79 -16.89 2.83 -6.43
N TYR A 80 -18.04 2.24 -6.15
CA TYR A 80 -18.88 2.70 -5.06
C TYR A 80 -18.09 2.57 -3.77
N ARG A 81 -17.49 1.40 -3.55
CA ARG A 81 -16.71 1.15 -2.34
C ARG A 81 -15.58 2.17 -2.20
N VAL A 82 -14.94 2.49 -3.32
CA VAL A 82 -13.85 3.45 -3.29
C VAL A 82 -14.31 4.87 -2.98
N ILE A 83 -15.34 5.33 -3.67
CA ILE A 83 -15.81 6.69 -3.44
C ILE A 83 -16.33 6.84 -2.01
N THR A 84 -17.02 5.82 -1.51
CA THR A 84 -17.54 5.84 -0.15
C THR A 84 -16.39 6.05 0.84
N LYS A 85 -15.37 5.21 0.75
CA LYS A 85 -14.22 5.32 1.64
C LYS A 85 -13.47 6.64 1.46
N LEU A 86 -13.49 7.15 0.23
CA LEU A 86 -12.81 8.41 -0.09
C LEU A 86 -13.43 9.54 0.74
N ARG A 87 -14.76 9.63 0.72
CA ARG A 87 -15.47 10.67 1.45
C ARG A 87 -15.44 10.51 2.96
N GLU A 88 -15.17 9.30 3.45
CA GLU A 88 -15.09 9.06 4.89
C GLU A 88 -13.72 9.46 5.39
N GLN A 89 -12.81 9.75 4.46
CA GLN A 89 -11.45 10.15 4.85
C GLN A 89 -11.48 11.46 5.64
N PRO A 90 -10.57 11.60 6.61
CA PRO A 90 -10.43 12.77 7.50
C PRO A 90 -10.09 14.08 6.80
N ASN A 91 -9.34 14.00 5.71
CA ASN A 91 -8.95 15.20 4.99
C ASN A 91 -8.51 14.87 3.58
N ASP A 92 -8.14 15.90 2.82
CA ASP A 92 -7.70 15.73 1.46
C ASP A 92 -6.37 14.99 1.30
N LEU A 93 -5.44 15.19 2.22
CA LEU A 93 -4.15 14.51 2.12
C LEU A 93 -4.34 12.99 2.21
N ALA A 94 -5.26 12.56 3.08
CA ALA A 94 -5.55 11.14 3.24
C ALA A 94 -6.22 10.62 1.97
N ARG A 95 -7.01 11.47 1.31
CA ARG A 95 -7.65 11.03 0.08
C ARG A 95 -6.60 10.89 -1.00
N TYR A 96 -5.60 11.77 -0.99
CA TYR A 96 -4.52 11.70 -1.97
C TYR A 96 -3.78 10.38 -1.81
N ILE A 97 -3.50 10.02 -0.56
CA ILE A 97 -2.80 8.78 -0.24
C ILE A 97 -3.62 7.56 -0.68
N GLN A 98 -4.94 7.61 -0.46
CA GLN A 98 -5.81 6.50 -0.84
C GLN A 98 -5.86 6.35 -2.36
N LEU A 99 -5.89 7.48 -3.06
CA LEU A 99 -5.95 7.49 -4.52
C LEU A 99 -4.63 7.06 -5.15
N ASP A 100 -3.52 7.43 -4.53
CA ASP A 100 -2.22 7.03 -5.05
C ASP A 100 -2.10 5.52 -4.91
N GLY A 101 -2.65 4.99 -3.82
CA GLY A 101 -2.62 3.57 -3.57
C GLY A 101 -3.50 2.84 -4.57
N LEU A 102 -4.66 3.42 -4.88
CA LEU A 102 -5.59 2.81 -5.81
C LEU A 102 -4.96 2.72 -7.21
N GLN A 103 -4.19 3.74 -7.58
CA GLN A 103 -3.53 3.73 -8.87
C GLN A 103 -2.52 2.58 -8.94
N ASP A 104 -1.89 2.27 -7.81
CA ASP A 104 -0.92 1.17 -7.73
C ASP A 104 -1.57 -0.19 -7.57
N ARG A 105 -2.88 -0.21 -7.32
CA ARG A 105 -3.60 -1.47 -7.11
C ARG A 105 -4.42 -1.99 -8.28
N ASN A 106 -5.33 -1.15 -8.77
CA ASN A 106 -6.23 -1.47 -9.87
C ASN A 106 -6.31 -0.19 -10.74
N GLU A 107 -5.51 -0.15 -11.79
CA GLU A 107 -5.46 1.03 -12.66
C GLU A 107 -6.78 1.38 -13.35
N LYS A 108 -7.50 0.38 -13.83
CA LYS A 108 -8.78 0.59 -14.49
C LYS A 108 -9.77 1.22 -13.52
N LEU A 109 -9.81 0.69 -12.31
CA LEU A 109 -10.70 1.20 -11.28
C LEU A 109 -10.31 2.65 -10.95
N PHE A 110 -9.02 2.88 -10.76
CA PHE A 110 -8.53 4.22 -10.46
C PHE A 110 -9.10 5.24 -11.43
N TYR A 111 -8.90 5.01 -12.73
CA TYR A 111 -9.42 5.95 -13.70
C TYR A 111 -10.93 5.96 -13.77
N ARG A 112 -11.57 4.81 -13.53
CA ARG A 112 -13.01 4.77 -13.52
C ARG A 112 -13.50 5.78 -12.46
N VAL A 113 -13.05 5.59 -11.24
CA VAL A 113 -13.43 6.44 -10.12
C VAL A 113 -13.12 7.92 -10.36
N VAL A 114 -11.89 8.22 -10.77
CA VAL A 114 -11.49 9.60 -11.04
C VAL A 114 -12.31 10.25 -12.14
N CYS A 115 -12.57 9.52 -13.23
CA CYS A 115 -13.34 10.07 -14.34
C CYS A 115 -14.78 10.29 -13.96
N ASP A 116 -15.33 9.41 -13.13
CA ASP A 116 -16.71 9.52 -12.69
C ASP A 116 -16.93 10.69 -11.73
N HIS A 117 -15.92 11.03 -10.94
CA HIS A 117 -16.04 12.12 -9.98
C HIS A 117 -14.91 13.10 -10.22
N VAL A 118 -14.79 13.57 -11.45
CA VAL A 118 -13.71 14.48 -11.83
C VAL A 118 -13.69 15.80 -11.05
N LYS A 119 -14.83 16.46 -10.91
CA LYS A 119 -14.87 17.73 -10.20
C LYS A 119 -14.46 17.57 -8.74
N GLU A 120 -14.88 16.45 -8.15
CA GLU A 120 -14.59 16.15 -6.75
C GLU A 120 -13.18 15.59 -6.51
N LEU A 121 -12.61 14.91 -7.50
CA LEU A 121 -11.30 14.30 -7.32
C LEU A 121 -10.11 14.94 -8.02
N MET A 122 -10.36 15.75 -9.05
CA MET A 122 -9.26 16.38 -9.75
C MET A 122 -8.37 17.18 -8.78
N PRO A 123 -8.98 17.96 -7.87
CA PRO A 123 -8.15 18.73 -6.94
C PRO A 123 -7.41 17.89 -5.88
N ILE A 124 -7.61 16.58 -5.94
CA ILE A 124 -6.94 15.67 -5.02
C ILE A 124 -5.76 15.05 -5.76
N VAL A 125 -6.05 14.56 -6.97
CA VAL A 125 -5.04 13.94 -7.81
C VAL A 125 -3.92 14.91 -8.16
N TYR A 126 -4.28 16.15 -8.45
CA TYR A 126 -3.28 17.14 -8.83
C TYR A 126 -3.62 18.49 -8.21
N THR A 127 -3.97 19.42 -9.08
CA THR A 127 -4.34 20.79 -8.75
C THR A 127 -3.68 21.35 -7.48
N PRO A 128 -4.26 21.14 -6.28
CA PRO A 128 -3.55 21.72 -5.13
C PRO A 128 -3.10 20.74 -4.04
N THR A 129 -3.75 19.58 -3.96
CA THR A 129 -3.41 18.62 -2.92
C THR A 129 -2.07 17.93 -3.13
N VAL A 130 -1.73 17.63 -4.37
CA VAL A 130 -0.48 16.92 -4.68
C VAL A 130 0.76 17.65 -4.15
N GLY A 131 0.80 18.97 -4.32
CA GLY A 131 1.94 19.72 -3.81
C GLY A 131 2.01 19.65 -2.30
N LEU A 132 0.87 19.78 -1.64
CA LEU A 132 0.81 19.73 -0.19
C LEU A 132 1.27 18.37 0.31
N ALA A 133 0.90 17.32 -0.42
CA ALA A 133 1.29 15.97 -0.04
C ALA A 133 2.81 15.79 -0.16
N CYS A 134 3.40 16.31 -1.24
CA CYS A 134 4.84 16.19 -1.44
C CYS A 134 5.58 16.88 -0.29
N GLN A 135 5.12 18.08 0.06
CA GLN A 135 5.75 18.84 1.14
C GLN A 135 5.60 18.18 2.52
N ASN A 136 4.38 17.81 2.88
CA ASN A 136 4.13 17.24 4.20
C ASN A 136 4.49 15.77 4.46
N PHE A 137 4.36 14.90 3.45
CA PHE A 137 4.67 13.49 3.66
C PHE A 137 6.12 13.12 3.37
N GLY A 138 6.76 13.90 2.49
CA GLY A 138 8.14 13.60 2.15
C GLY A 138 8.15 12.32 1.34
N TYR A 139 9.01 11.38 1.69
CA TYR A 139 9.06 10.12 0.96
C TYR A 139 7.78 9.35 1.19
N ILE A 140 7.04 9.14 0.11
CA ILE A 140 5.76 8.43 0.15
C ILE A 140 5.94 6.99 -0.33
N TYR A 141 5.56 6.04 0.50
CA TYR A 141 5.68 4.61 0.17
C TYR A 141 4.77 4.26 -1.01
N ARG A 142 5.34 3.66 -2.04
CA ARG A 142 4.54 3.26 -3.20
C ARG A 142 5.33 2.46 -4.23
N LYS A 143 4.61 1.91 -5.20
CA LYS A 143 5.23 1.14 -6.25
C LYS A 143 6.02 2.11 -7.12
N PRO A 144 7.13 1.64 -7.71
CA PRO A 144 7.96 2.49 -8.56
C PRO A 144 7.14 3.04 -9.73
N LYS A 145 6.66 4.27 -9.61
CA LYS A 145 5.85 4.84 -10.69
C LYS A 145 6.49 6.04 -11.35
N GLY A 146 7.78 6.20 -11.14
CA GLY A 146 8.49 7.32 -11.74
C GLY A 146 9.98 7.08 -11.73
N LEU A 147 10.73 7.98 -12.36
CA LEU A 147 12.17 7.86 -12.40
C LEU A 147 12.88 9.11 -11.85
N TYR A 148 14.02 8.89 -11.22
CA TYR A 148 14.83 9.98 -10.71
C TYR A 148 16.10 9.96 -11.54
N ILE A 149 16.39 11.07 -12.19
CA ILE A 149 17.61 11.19 -12.99
C ILE A 149 18.33 12.38 -12.35
N THR A 150 19.55 12.15 -11.88
CA THR A 150 20.26 13.21 -11.18
C THR A 150 21.44 13.80 -11.93
N ILE A 151 21.98 14.86 -11.37
CA ILE A 151 23.12 15.55 -11.95
C ILE A 151 24.35 14.63 -11.97
N ASN A 152 24.29 13.52 -11.23
CA ASN A 152 25.38 12.55 -11.19
C ASN A 152 25.20 11.41 -12.20
N ASP A 153 24.18 11.53 -13.05
CA ASP A 153 23.93 10.53 -14.07
C ASP A 153 23.99 11.29 -15.39
N ASN A 154 24.89 12.27 -15.42
CA ASN A 154 25.04 13.14 -16.57
C ASN A 154 25.75 12.61 -17.78
N SER A 155 24.99 11.96 -18.66
CA SER A 155 25.50 11.42 -19.92
C SER A 155 24.34 10.69 -20.58
N VAL A 156 24.35 10.62 -21.90
CA VAL A 156 23.28 9.95 -22.64
C VAL A 156 23.16 8.49 -22.17
N SER A 157 24.31 7.83 -22.02
CA SER A 157 24.33 6.44 -21.60
C SER A 157 23.81 6.18 -20.20
N LYS A 158 24.20 7.02 -19.24
CA LYS A 158 23.74 6.83 -17.86
C LYS A 158 22.23 7.05 -17.77
N ILE A 159 21.72 8.04 -18.49
CA ILE A 159 20.30 8.30 -18.48
C ILE A 159 19.58 7.18 -19.24
N TYR A 160 20.19 6.72 -20.33
CA TYR A 160 19.62 5.64 -21.14
C TYR A 160 19.42 4.38 -20.28
N GLN A 161 20.46 4.03 -19.51
CA GLN A 161 20.40 2.86 -18.64
C GLN A 161 19.30 3.00 -17.60
N ILE A 162 19.04 4.23 -17.13
CA ILE A 162 17.99 4.44 -16.15
C ILE A 162 16.62 4.25 -16.82
N LEU A 163 16.48 4.72 -18.05
CA LEU A 163 15.21 4.57 -18.76
C LEU A 163 14.98 3.11 -19.06
N SER A 164 16.07 2.37 -19.25
CA SER A 164 16.02 0.94 -19.54
C SER A 164 15.54 0.16 -18.33
N ASN A 165 15.54 0.79 -17.15
CA ASN A 165 15.08 0.10 -15.95
C ASN A 165 13.58 0.24 -15.80
N TRP A 166 12.99 1.10 -16.62
CA TRP A 166 11.55 1.32 -16.58
C TRP A 166 10.93 0.10 -17.27
N HIS A 167 9.88 -0.45 -16.68
CA HIS A 167 9.20 -1.62 -17.21
C HIS A 167 8.65 -1.52 -18.65
N GLU A 168 7.88 -0.47 -18.92
CA GLU A 168 7.28 -0.29 -20.25
C GLU A 168 8.25 0.24 -21.29
N GLU A 169 8.22 -0.38 -22.48
CA GLU A 169 9.09 0.04 -23.57
C GLU A 169 8.40 1.00 -24.54
N ASP A 170 7.07 0.98 -24.57
CA ASP A 170 6.36 1.87 -25.49
C ASP A 170 5.99 3.20 -24.81
N VAL A 171 7.01 3.95 -24.40
CA VAL A 171 6.80 5.24 -23.77
C VAL A 171 6.62 6.31 -24.85
N ARG A 172 5.54 7.09 -24.75
CA ARG A 172 5.26 8.15 -25.72
C ARG A 172 5.01 9.52 -25.07
N ALA A 173 4.79 9.53 -23.76
CA ALA A 173 4.53 10.78 -23.06
C ALA A 173 5.35 10.85 -21.78
N ILE A 174 6.15 11.89 -21.66
CA ILE A 174 6.99 12.10 -20.49
C ILE A 174 6.73 13.49 -19.90
N VAL A 175 6.50 13.55 -18.59
CA VAL A 175 6.30 14.84 -17.92
C VAL A 175 7.48 14.94 -16.95
N VAL A 176 8.31 15.95 -17.15
CA VAL A 176 9.49 16.13 -16.29
C VAL A 176 9.49 17.46 -15.51
N THR A 177 10.12 17.43 -14.33
CA THR A 177 10.24 18.60 -13.46
C THR A 177 11.56 18.51 -12.70
N ASP A 178 12.17 19.64 -12.35
CA ASP A 178 13.38 19.56 -11.55
C ASP A 178 12.96 19.87 -10.11
N GLY A 179 11.66 20.07 -9.92
CA GLY A 179 11.08 20.34 -8.62
C GLY A 179 11.38 21.67 -7.96
N GLU A 180 11.86 22.63 -8.75
CA GLU A 180 12.20 23.93 -8.20
C GLU A 180 11.00 24.84 -7.95
N ARG A 181 9.99 24.76 -8.79
CA ARG A 181 8.84 25.62 -8.60
C ARG A 181 7.50 24.92 -8.54
N ILE A 182 7.32 24.06 -7.54
CA ILE A 182 6.06 23.35 -7.37
C ILE A 182 5.02 24.44 -7.08
N LEU A 183 4.07 24.60 -8.00
CA LEU A 183 3.04 25.64 -7.90
C LEU A 183 2.43 25.88 -6.53
N GLY A 184 2.77 27.02 -5.94
CA GLY A 184 2.24 27.38 -4.64
C GLY A 184 3.01 26.84 -3.44
N LEU A 185 4.11 26.15 -3.68
CA LEU A 185 4.89 25.60 -2.58
C LEU A 185 6.38 25.91 -2.68
N GLY A 186 6.88 26.07 -3.89
CA GLY A 186 8.28 26.37 -4.06
C GLY A 186 9.18 25.17 -4.32
N ASP A 187 10.41 25.29 -3.87
CA ASP A 187 11.42 24.27 -4.06
C ASP A 187 11.25 23.10 -3.08
N LEU A 188 10.89 21.94 -3.61
CA LEU A 188 10.72 20.76 -2.76
C LEU A 188 11.66 19.66 -3.17
N GLY A 189 12.58 19.99 -4.08
CA GLY A 189 13.58 19.04 -4.54
C GLY A 189 13.06 17.69 -4.97
N ALA A 190 13.76 16.64 -4.57
CA ALA A 190 13.41 15.27 -4.91
C ALA A 190 12.03 14.84 -4.40
N TYR A 191 11.37 15.70 -3.62
CA TYR A 191 10.04 15.37 -3.12
C TYR A 191 8.97 15.70 -4.19
N GLY A 192 9.38 16.42 -5.22
CA GLY A 192 8.43 16.81 -6.24
C GLY A 192 8.01 15.75 -7.24
N ILE A 193 8.48 14.52 -7.06
CA ILE A 193 8.15 13.44 -7.97
C ILE A 193 6.64 13.27 -8.17
N GLY A 194 5.87 13.64 -7.14
CA GLY A 194 4.42 13.50 -7.24
C GLY A 194 3.75 14.40 -8.26
N ILE A 195 4.43 15.46 -8.67
CA ILE A 195 3.87 16.39 -9.65
C ILE A 195 3.74 15.73 -11.03
N PRO A 196 4.84 15.16 -11.56
CA PRO A 196 4.76 14.51 -12.87
C PRO A 196 3.75 13.35 -12.81
N VAL A 197 3.76 12.63 -11.69
CA VAL A 197 2.85 11.52 -11.51
C VAL A 197 1.40 11.98 -11.64
N GLY A 198 1.05 13.02 -10.89
CA GLY A 198 -0.30 13.54 -10.92
C GLY A 198 -0.66 14.13 -12.27
N LYS A 199 0.29 14.81 -12.90
CA LYS A 199 0.03 15.41 -14.20
C LYS A 199 -0.31 14.33 -15.23
N LEU A 200 0.47 13.25 -15.24
CA LEU A 200 0.23 12.14 -16.16
C LEU A 200 -1.09 11.45 -15.86
N ALA A 201 -1.45 11.37 -14.57
CA ALA A 201 -2.73 10.74 -14.22
C ALA A 201 -3.86 11.52 -14.90
N LEU A 202 -3.67 12.82 -15.09
CA LEU A 202 -4.69 13.65 -15.75
C LEU A 202 -4.61 13.44 -17.26
N TYR A 203 -3.40 13.27 -17.80
CA TYR A 203 -3.26 13.01 -19.24
C TYR A 203 -4.19 11.83 -19.57
N VAL A 204 -4.14 10.80 -18.74
CA VAL A 204 -4.97 9.61 -18.95
C VAL A 204 -6.45 9.88 -18.69
N ALA A 205 -6.78 10.28 -17.47
CA ALA A 205 -8.17 10.53 -17.09
C ALA A 205 -8.93 11.61 -17.89
N LEU A 206 -8.24 12.68 -18.27
CA LEU A 206 -8.91 13.76 -19.00
C LEU A 206 -8.64 13.77 -20.49
N GLY A 207 -7.45 13.33 -20.90
CA GLY A 207 -7.10 13.32 -22.31
C GLY A 207 -7.40 12.01 -23.04
N GLY A 208 -7.29 10.88 -22.33
CA GLY A 208 -7.55 9.59 -22.94
C GLY A 208 -6.25 8.92 -23.35
N VAL A 209 -5.13 9.58 -23.03
CA VAL A 209 -3.81 9.06 -23.35
C VAL A 209 -3.64 7.69 -22.69
N GLN A 210 -3.10 6.73 -23.43
CA GLN A 210 -2.89 5.37 -22.90
C GLN A 210 -1.93 5.43 -21.73
N PRO A 211 -2.33 4.93 -20.55
CA PRO A 211 -1.41 4.98 -19.39
C PRO A 211 -0.05 4.32 -19.56
N LYS A 212 0.05 3.31 -20.41
CA LYS A 212 1.33 2.65 -20.60
C LYS A 212 2.32 3.55 -21.32
N TRP A 213 1.81 4.59 -21.98
CA TRP A 213 2.69 5.50 -22.70
C TRP A 213 3.30 6.58 -21.81
N CYS A 214 2.78 6.71 -20.59
CA CYS A 214 3.22 7.75 -19.65
C CYS A 214 4.40 7.41 -18.75
N LEU A 215 5.34 8.35 -18.67
CA LEU A 215 6.53 8.19 -17.85
C LEU A 215 6.84 9.47 -17.06
N PRO A 216 6.60 9.47 -15.74
CA PRO A 216 6.89 10.66 -14.92
C PRO A 216 8.38 10.71 -14.58
N VAL A 217 8.99 11.89 -14.68
CA VAL A 217 10.40 12.04 -14.36
C VAL A 217 10.73 13.25 -13.49
N LEU A 218 11.66 13.05 -12.56
CA LEU A 218 12.10 14.14 -11.72
C LEU A 218 13.61 14.24 -11.84
N LEU A 219 14.10 15.42 -12.22
CA LEU A 219 15.53 15.62 -12.34
C LEU A 219 16.03 16.20 -11.03
N ASP A 220 17.05 15.60 -10.43
CA ASP A 220 17.57 16.08 -9.17
C ASP A 220 18.97 16.64 -9.32
N VAL A 221 19.08 17.97 -9.21
CA VAL A 221 20.36 18.64 -9.31
C VAL A 221 20.65 19.33 -7.98
N GLY A 222 19.81 19.03 -6.99
CA GLY A 222 19.96 19.62 -5.67
C GLY A 222 18.74 20.42 -5.29
N THR A 223 18.81 21.15 -4.19
CA THR A 223 17.69 21.97 -3.75
C THR A 223 18.23 23.16 -2.98
N ASN A 224 17.56 24.31 -3.12
CA ASN A 224 17.99 25.52 -2.42
C ASN A 224 17.07 25.78 -1.23
N ASN A 225 16.24 24.78 -0.93
CA ASN A 225 15.33 24.86 0.19
C ASN A 225 16.15 24.40 1.39
N MET A 226 16.52 25.38 2.23
CA MET A 226 17.32 25.10 3.43
C MET A 226 16.67 24.13 4.41
N ASP A 227 15.35 24.17 4.52
CA ASP A 227 14.68 23.26 5.43
C ASP A 227 14.98 21.81 5.03
N LEU A 228 15.02 21.54 3.72
CA LEU A 228 15.30 20.20 3.24
C LEU A 228 16.76 19.82 3.45
N LEU A 229 17.66 20.77 3.25
CA LEU A 229 19.07 20.47 3.43
C LEU A 229 19.40 20.25 4.90
N ASN A 230 18.52 20.74 5.77
CA ASN A 230 18.71 20.57 7.20
C ASN A 230 17.89 19.39 7.72
N ASP A 231 16.98 18.90 6.88
CA ASP A 231 16.10 17.78 7.21
C ASP A 231 16.80 16.41 7.14
N PRO A 232 16.88 15.70 8.28
CA PRO A 232 17.54 14.39 8.30
C PRO A 232 16.77 13.29 7.57
N PHE A 233 15.62 13.67 7.03
CA PHE A 233 14.76 12.73 6.32
C PHE A 233 14.63 13.07 4.85
N TYR A 234 15.38 14.08 4.41
CA TYR A 234 15.35 14.46 2.99
C TYR A 234 16.00 13.30 2.24
N ILE A 235 15.43 12.94 1.10
CA ILE A 235 16.00 11.82 0.34
C ILE A 235 16.59 12.21 -0.99
N GLY A 236 16.82 13.50 -1.19
CA GLY A 236 17.41 13.94 -2.46
C GLY A 236 18.88 14.25 -2.28
N LEU A 237 19.53 14.68 -3.35
CA LEU A 237 20.94 15.06 -3.27
C LEU A 237 21.02 16.21 -2.26
N ARG A 238 21.87 16.06 -1.25
CA ARG A 238 21.96 17.11 -0.24
C ARG A 238 22.98 18.20 -0.56
N HIS A 239 22.61 19.06 -1.50
CA HIS A 239 23.43 20.17 -1.93
C HIS A 239 22.54 21.18 -2.64
N LYS A 240 23.04 22.39 -2.84
CA LYS A 240 22.25 23.41 -3.51
C LYS A 240 22.18 23.05 -4.98
N ARG A 241 21.21 23.64 -5.69
CA ARG A 241 21.00 23.38 -7.11
C ARG A 241 22.19 23.74 -7.99
N VAL A 242 22.54 22.84 -8.91
CA VAL A 242 23.63 23.07 -9.84
C VAL A 242 23.02 23.92 -10.96
N ARG A 243 23.77 24.86 -11.51
CA ARG A 243 23.20 25.73 -12.55
C ARG A 243 24.05 26.11 -13.76
N GLY A 244 25.33 25.74 -13.75
CA GLY A 244 26.16 26.12 -14.88
C GLY A 244 25.89 25.38 -16.17
N LYS A 245 26.96 25.15 -16.93
CA LYS A 245 26.87 24.42 -18.17
C LYS A 245 26.44 22.99 -17.83
N ASP A 246 26.79 22.55 -16.62
CA ASP A 246 26.48 21.19 -16.15
C ASP A 246 24.97 20.93 -16.11
N TYR A 247 24.20 21.91 -15.67
CA TYR A 247 22.75 21.76 -15.62
C TYR A 247 22.23 21.70 -17.05
N ASP A 248 22.74 22.59 -17.89
CA ASP A 248 22.34 22.67 -19.28
C ASP A 248 22.73 21.39 -20.02
N THR A 249 23.81 20.77 -19.56
CA THR A 249 24.29 19.55 -20.17
C THR A 249 23.38 18.39 -19.80
N LEU A 250 22.96 18.35 -18.55
CA LEU A 250 22.07 17.29 -18.08
C LEU A 250 20.78 17.33 -18.87
N LEU A 251 20.23 18.53 -19.05
CA LEU A 251 18.99 18.65 -19.78
C LEU A 251 19.17 18.27 -21.24
N ASP A 252 20.31 18.63 -21.82
CA ASP A 252 20.54 18.26 -23.22
C ASP A 252 20.67 16.74 -23.32
N ASN A 253 21.49 16.17 -22.45
CA ASN A 253 21.68 14.73 -22.44
C ASN A 253 20.36 14.01 -22.16
N PHE A 254 19.49 14.65 -21.39
CA PHE A 254 18.20 14.07 -21.06
C PHE A 254 17.33 13.96 -22.32
N MET A 255 17.15 15.08 -23.02
CA MET A 255 16.32 15.08 -24.24
C MET A 255 16.89 14.08 -25.25
N LYS A 256 18.21 13.99 -25.33
CA LYS A 256 18.84 13.08 -26.27
C LYS A 256 18.51 11.64 -25.88
N ALA A 257 18.84 11.27 -24.65
CA ALA A 257 18.59 9.91 -24.17
C ALA A 257 17.11 9.50 -24.32
N CYS A 258 16.19 10.38 -23.93
CA CYS A 258 14.77 10.04 -24.06
C CYS A 258 14.38 9.73 -25.51
N THR A 259 14.88 10.55 -26.44
CA THR A 259 14.55 10.35 -27.85
C THR A 259 15.33 9.18 -28.45
N LYS A 260 16.56 8.98 -28.00
CA LYS A 260 17.39 7.90 -28.49
C LYS A 260 16.74 6.57 -28.07
N LYS A 261 16.16 6.58 -26.88
CA LYS A 261 15.52 5.40 -26.32
C LYS A 261 14.10 5.14 -26.85
N TYR A 262 13.22 6.13 -26.77
CA TYR A 262 11.84 5.94 -27.20
C TYR A 262 11.44 6.50 -28.56
N GLY A 263 12.35 7.25 -29.19
CA GLY A 263 12.02 7.81 -30.49
C GLY A 263 11.88 9.32 -30.45
N GLN A 264 12.23 9.97 -31.55
CA GLN A 264 12.17 11.41 -31.67
C GLN A 264 10.76 11.97 -31.48
N LYS A 265 9.74 11.16 -31.74
CA LYS A 265 8.37 11.64 -31.58
C LYS A 265 7.88 11.67 -30.13
N THR A 266 8.71 11.21 -29.20
CA THR A 266 8.33 11.18 -27.79
C THR A 266 7.97 12.57 -27.31
N LEU A 267 6.81 12.68 -26.67
CA LEU A 267 6.37 13.97 -26.14
C LEU A 267 6.95 14.18 -24.74
N ILE A 268 7.73 15.25 -24.59
CA ILE A 268 8.33 15.57 -23.30
C ILE A 268 7.76 16.91 -22.86
N GLN A 269 7.04 16.92 -21.76
CA GLN A 269 6.43 18.15 -21.27
C GLN A 269 7.09 18.60 -19.95
N PHE A 270 7.46 19.87 -19.90
CA PHE A 270 8.11 20.45 -18.73
C PHE A 270 7.08 21.02 -17.75
N GLU A 271 7.21 20.66 -16.48
CA GLU A 271 6.28 21.11 -15.44
C GLU A 271 6.99 21.60 -14.18
N ASP A 272 6.47 22.71 -13.63
CA ASP A 272 6.99 23.31 -12.41
C ASP A 272 8.47 23.67 -12.32
N PHE A 273 9.05 24.16 -13.41
CA PHE A 273 10.43 24.61 -13.35
C PHE A 273 10.35 26.07 -12.87
N ALA A 274 11.47 26.65 -12.47
CA ALA A 274 11.45 28.05 -12.02
C ALA A 274 11.10 28.89 -13.25
N ASN A 275 10.22 29.87 -13.09
CA ASN A 275 9.77 30.71 -14.21
C ASN A 275 10.79 31.09 -15.29
N PRO A 276 11.90 31.73 -14.91
CA PRO A 276 12.89 32.10 -15.92
C PRO A 276 13.52 30.91 -16.62
N ASN A 277 13.84 29.90 -15.82
CA ASN A 277 14.45 28.69 -16.32
C ASN A 277 13.45 27.97 -17.26
N ALA A 278 12.20 27.92 -16.84
CA ALA A 278 11.17 27.26 -17.63
C ALA A 278 11.02 27.91 -19.00
N PHE A 279 11.03 29.25 -19.04
CA PHE A 279 10.87 29.95 -20.30
C PHE A 279 12.08 29.72 -21.20
N ARG A 280 13.27 29.73 -20.59
CA ARG A 280 14.51 29.51 -21.33
C ARG A 280 14.51 28.14 -22.00
N LEU A 281 14.20 27.12 -21.21
CA LEU A 281 14.18 25.76 -21.72
C LEU A 281 13.15 25.62 -22.84
N LEU A 282 11.98 26.24 -22.71
CA LEU A 282 10.97 26.15 -23.76
C LEU A 282 11.49 26.73 -25.07
N ASP A 283 12.17 27.86 -24.98
CA ASP A 283 12.71 28.51 -26.15
C ASP A 283 13.81 27.66 -26.80
N LYS A 284 14.58 26.94 -26.00
CA LYS A 284 15.66 26.12 -26.54
C LYS A 284 15.21 24.80 -27.18
N TYR A 285 14.16 24.20 -26.65
CA TYR A 285 13.70 22.91 -27.15
C TYR A 285 12.46 22.90 -28.04
N GLN A 286 11.61 23.91 -27.89
CA GLN A 286 10.37 24.00 -28.66
C GLN A 286 10.45 23.52 -30.11
N ASP A 287 11.44 24.00 -30.84
CA ASP A 287 11.60 23.64 -32.25
C ASP A 287 12.54 22.48 -32.52
N LYS A 288 13.14 21.91 -31.47
CA LYS A 288 14.06 20.79 -31.65
C LYS A 288 13.43 19.46 -31.28
N TYR A 289 12.53 19.47 -30.30
CA TYR A 289 11.87 18.25 -29.87
C TYR A 289 10.35 18.41 -29.79
N THR A 290 9.66 17.31 -29.49
CA THR A 290 8.22 17.35 -29.35
C THR A 290 8.01 17.71 -27.89
N MET A 291 8.10 19.01 -27.61
CA MET A 291 7.98 19.51 -26.24
C MET A 291 7.18 20.78 -26.08
N PHE A 292 6.71 21.00 -24.85
CA PHE A 292 5.96 22.19 -24.50
C PHE A 292 5.92 22.30 -22.99
N ASN A 293 5.65 23.51 -22.49
CA ASN A 293 5.59 23.74 -21.05
C ASN A 293 4.18 24.18 -20.71
N ASP A 294 3.47 23.36 -19.94
CA ASP A 294 2.10 23.69 -19.58
C ASP A 294 1.93 24.99 -18.79
N ASP A 295 2.85 25.25 -17.85
CA ASP A 295 2.78 26.46 -17.02
C ASP A 295 2.78 27.71 -17.87
N ILE A 296 3.55 27.69 -18.94
CA ILE A 296 3.66 28.82 -19.84
C ILE A 296 2.59 28.79 -20.92
N GLN A 297 2.70 27.82 -21.82
CA GLN A 297 1.79 27.69 -22.94
C GLN A 297 0.38 27.23 -22.59
N GLY A 298 0.27 26.37 -21.59
CA GLY A 298 -1.04 25.88 -21.21
C GLY A 298 -1.85 26.97 -20.53
N THR A 299 -1.20 27.71 -19.65
CA THR A 299 -1.88 28.78 -18.93
C THR A 299 -2.35 29.84 -19.93
N ALA A 300 -1.41 30.36 -20.72
CA ALA A 300 -1.72 31.36 -21.72
C ALA A 300 -2.92 30.93 -22.57
N SER A 301 -2.90 29.67 -22.97
CA SER A 301 -3.93 29.08 -23.80
C SER A 301 -5.33 28.98 -23.21
N VAL A 302 -5.43 28.46 -21.99
CA VAL A 302 -6.74 28.30 -21.38
C VAL A 302 -7.40 29.64 -21.05
N ILE A 303 -6.59 30.64 -20.71
CA ILE A 303 -7.17 31.95 -20.42
C ILE A 303 -7.70 32.56 -21.71
N VAL A 304 -6.93 32.43 -22.79
CA VAL A 304 -7.37 32.94 -24.09
C VAL A 304 -8.69 32.27 -24.45
N ALA A 305 -8.85 31.02 -24.04
CA ALA A 305 -10.08 30.30 -24.32
C ALA A 305 -11.24 30.96 -23.57
N GLY A 306 -11.00 31.34 -22.32
CA GLY A 306 -12.03 31.98 -21.54
C GLY A 306 -12.42 33.31 -22.16
N LEU A 307 -11.40 34.07 -22.59
CA LEU A 307 -11.62 35.36 -23.22
C LEU A 307 -12.37 35.20 -24.54
N LEU A 308 -11.98 34.22 -25.35
CA LEU A 308 -12.64 33.97 -26.62
C LEU A 308 -14.13 33.74 -26.35
N THR A 309 -14.43 32.95 -25.34
CA THR A 309 -15.82 32.68 -25.00
C THR A 309 -16.52 33.98 -24.64
N CYS A 310 -15.84 34.83 -23.85
CA CYS A 310 -16.41 36.11 -23.43
C CYS A 310 -16.86 36.93 -24.64
N THR A 311 -16.09 36.83 -25.71
CA THR A 311 -16.38 37.54 -26.96
C THR A 311 -17.86 37.36 -27.31
N ARG A 312 -18.35 36.13 -27.22
CA ARG A 312 -19.73 35.83 -27.53
C ARG A 312 -20.74 36.60 -26.68
N VAL A 313 -20.25 37.36 -25.70
CA VAL A 313 -21.14 38.13 -24.84
C VAL A 313 -20.87 39.64 -24.96
N THR A 314 -19.60 40.02 -24.97
CA THR A 314 -19.25 41.43 -25.09
C THR A 314 -19.43 41.85 -26.54
N LYS A 315 -19.71 40.88 -27.40
CA LYS A 315 -19.90 41.13 -28.82
C LYS A 315 -18.69 41.83 -29.43
N LYS A 316 -17.56 41.76 -28.74
CA LYS A 316 -16.33 42.39 -29.21
C LYS A 316 -15.24 41.34 -29.40
N LEU A 317 -14.73 41.21 -30.61
CA LEU A 317 -13.68 40.24 -30.88
C LEU A 317 -12.43 40.51 -30.06
N VAL A 318 -11.58 39.50 -29.93
CA VAL A 318 -10.34 39.64 -29.18
C VAL A 318 -9.53 40.79 -29.77
N SER A 319 -9.63 40.95 -31.08
CA SER A 319 -8.91 42.01 -31.79
C SER A 319 -9.67 43.34 -31.71
N GLN A 320 -10.83 43.30 -31.07
CA GLN A 320 -11.66 44.49 -30.91
C GLN A 320 -11.80 44.85 -29.44
N GLU A 321 -10.92 44.30 -28.61
CA GLU A 321 -10.95 44.53 -27.17
C GLU A 321 -9.63 45.09 -26.61
N LYS A 322 -9.71 45.65 -25.41
CA LYS A 322 -8.54 46.23 -24.75
C LYS A 322 -8.40 45.47 -23.43
N TYR A 323 -7.18 44.99 -23.14
CA TYR A 323 -6.94 44.22 -21.94
C TYR A 323 -5.97 44.88 -20.96
N LEU A 324 -6.32 44.83 -19.68
CA LEU A 324 -5.47 45.39 -18.64
C LEU A 324 -5.08 44.26 -17.69
N PHE A 325 -3.77 44.02 -17.56
CA PHE A 325 -3.26 42.98 -16.68
C PHE A 325 -2.72 43.58 -15.38
N PHE A 326 -3.22 43.12 -14.24
CA PHE A 326 -2.70 43.61 -12.96
C PHE A 326 -1.65 42.56 -12.58
N GLY A 327 -0.39 42.89 -12.83
CA GLY A 327 0.67 41.94 -12.56
C GLY A 327 1.24 41.61 -13.93
N ALA A 328 2.57 41.47 -14.02
CA ALA A 328 3.19 41.17 -15.31
C ALA A 328 4.31 40.16 -15.21
N GLY A 329 4.10 39.10 -14.43
CA GLY A 329 5.11 38.06 -14.30
C GLY A 329 5.04 37.01 -15.41
N ALA A 330 5.15 35.74 -15.03
CA ALA A 330 5.11 34.67 -16.03
C ALA A 330 3.72 34.50 -16.64
N ALA A 331 2.72 34.33 -15.78
CA ALA A 331 1.35 34.13 -16.25
C ALA A 331 0.85 35.23 -17.16
N SER A 332 0.77 36.45 -16.62
CA SER A 332 0.29 37.59 -17.40
C SER A 332 1.04 37.78 -18.71
N THR A 333 2.37 37.76 -18.67
CA THR A 333 3.14 37.95 -19.88
C THR A 333 2.82 36.88 -20.92
N GLY A 334 2.77 35.63 -20.47
CA GLY A 334 2.46 34.54 -21.39
C GLY A 334 1.10 34.71 -22.02
N ILE A 335 0.11 35.03 -21.19
CA ILE A 335 -1.26 35.23 -21.66
C ILE A 335 -1.33 36.36 -22.67
N ALA A 336 -0.72 37.49 -22.34
CA ALA A 336 -0.72 38.66 -23.22
C ALA A 336 -0.13 38.31 -24.59
N GLU A 337 1.01 37.65 -24.60
CA GLU A 337 1.67 37.27 -25.85
C GLU A 337 0.73 36.37 -26.67
N MET A 338 0.06 35.44 -26.00
CA MET A 338 -0.87 34.55 -26.69
C MET A 338 -2.04 35.34 -27.27
N ILE A 339 -2.44 36.39 -26.58
CA ILE A 339 -3.53 37.24 -27.05
C ILE A 339 -3.07 38.00 -28.29
N VAL A 340 -1.80 38.39 -28.30
CA VAL A 340 -1.24 39.11 -29.45
C VAL A 340 -1.29 38.21 -30.67
N HIS A 341 -0.83 36.97 -30.52
CA HIS A 341 -0.83 36.01 -31.61
C HIS A 341 -2.27 35.85 -32.12
N GLN A 342 -3.20 35.60 -31.20
CA GLN A 342 -4.59 35.43 -31.57
C GLN A 342 -5.19 36.62 -32.29
N MET A 343 -4.75 37.83 -31.94
CA MET A 343 -5.27 39.02 -32.59
C MET A 343 -4.72 39.13 -34.01
N GLN A 344 -3.46 38.75 -34.19
CA GLN A 344 -2.87 38.80 -35.52
C GLN A 344 -3.62 37.83 -36.43
N ASN A 345 -3.83 36.61 -35.94
CA ASN A 345 -4.55 35.62 -36.72
C ASN A 345 -5.96 36.12 -37.02
N GLU A 346 -6.32 37.26 -36.46
CA GLU A 346 -7.63 37.83 -36.68
C GLU A 346 -7.60 38.97 -37.71
N GLY A 347 -6.40 39.35 -38.14
CA GLY A 347 -6.29 40.41 -39.13
C GLY A 347 -5.46 41.61 -38.73
N ILE A 348 -5.45 41.94 -37.45
CA ILE A 348 -4.70 43.08 -36.94
C ILE A 348 -3.18 42.86 -36.98
N SER A 349 -2.43 43.96 -36.96
CA SER A 349 -0.97 43.89 -36.96
C SER A 349 -0.47 43.68 -35.54
N LYS A 350 0.76 43.22 -35.40
CA LYS A 350 1.33 42.98 -34.08
C LYS A 350 1.43 44.32 -33.34
N GLU A 351 1.81 45.36 -34.09
CA GLU A 351 1.94 46.71 -33.54
C GLU A 351 0.66 47.15 -32.86
N GLU A 352 -0.46 47.04 -33.56
CA GLU A 352 -1.76 47.44 -33.02
C GLU A 352 -2.24 46.45 -31.98
N ALA A 353 -1.82 45.20 -32.12
CA ALA A 353 -2.22 44.16 -31.18
C ALA A 353 -1.74 44.55 -29.78
N CYS A 354 -0.45 44.88 -29.68
CA CYS A 354 0.13 45.29 -28.40
C CYS A 354 -0.58 46.51 -27.81
N ASN A 355 -0.89 47.48 -28.66
CA ASN A 355 -1.57 48.71 -28.25
C ASN A 355 -2.84 48.50 -27.43
N ARG A 356 -3.47 47.34 -27.57
CA ARG A 356 -4.70 47.04 -26.84
C ARG A 356 -4.42 46.29 -25.55
N ILE A 357 -3.14 46.11 -25.24
CA ILE A 357 -2.71 45.41 -24.04
C ILE A 357 -1.89 46.30 -23.11
N TYR A 358 -2.33 46.40 -21.86
CA TYR A 358 -1.65 47.22 -20.85
C TYR A 358 -1.20 46.33 -19.70
N LEU A 359 0.04 46.54 -19.26
CA LEU A 359 0.58 45.76 -18.16
C LEU A 359 0.96 46.60 -16.95
N MET A 360 0.59 46.10 -15.78
CA MET A 360 0.92 46.75 -14.52
C MET A 360 1.64 45.71 -13.68
N ASP A 361 2.69 46.12 -12.96
CA ASP A 361 3.43 45.21 -12.10
C ASP A 361 3.62 45.88 -10.75
N ILE A 362 4.38 45.26 -9.86
CA ILE A 362 4.59 45.83 -8.53
C ILE A 362 4.99 47.31 -8.53
N ASP A 363 5.58 47.79 -9.62
CA ASP A 363 5.99 49.18 -9.71
C ASP A 363 4.88 50.07 -10.29
N GLY A 364 3.87 49.44 -10.89
CA GLY A 364 2.78 50.20 -11.48
C GLY A 364 2.65 49.93 -12.97
N LEU A 365 2.22 50.94 -13.72
CA LEU A 365 2.03 50.79 -15.15
C LEU A 365 3.37 50.73 -15.86
N VAL A 366 3.53 49.74 -16.73
CA VAL A 366 4.77 49.61 -17.48
C VAL A 366 4.70 50.62 -18.62
N THR A 367 5.53 51.66 -18.55
CA THR A 367 5.56 52.70 -19.57
C THR A 367 6.85 52.65 -20.38
N LYS A 368 6.83 53.23 -21.57
CA LYS A 368 8.02 53.23 -22.41
C LYS A 368 9.19 53.91 -21.71
N ASN A 369 8.89 54.74 -20.72
CA ASN A 369 9.93 55.46 -19.98
C ASN A 369 10.31 54.82 -18.66
N ARG A 370 10.44 53.49 -18.63
CA ARG A 370 10.83 52.80 -17.41
C ARG A 370 12.33 52.48 -17.47
N LYS A 371 12.99 52.49 -16.32
CA LYS A 371 14.42 52.24 -16.23
C LYS A 371 14.90 50.96 -16.92
N GLU A 372 14.72 49.82 -16.25
CA GLU A 372 15.13 48.55 -16.81
C GLU A 372 13.98 47.55 -16.77
N MET A 373 13.33 47.35 -17.91
CA MET A 373 12.20 46.42 -17.99
C MET A 373 12.54 45.13 -18.74
N ASN A 374 11.74 44.09 -18.47
CA ASN A 374 11.92 42.79 -19.10
C ASN A 374 11.76 42.91 -20.61
N PRO A 375 12.65 42.26 -21.38
CA PRO A 375 12.59 42.32 -22.85
C PRO A 375 11.18 42.05 -23.38
N ARG A 376 10.54 41.03 -22.83
CA ARG A 376 9.20 40.63 -23.24
C ARG A 376 8.15 41.72 -22.98
N HIS A 377 8.55 42.78 -22.29
CA HIS A 377 7.64 43.87 -21.98
C HIS A 377 7.86 45.05 -22.93
N VAL A 378 9.01 45.08 -23.59
CA VAL A 378 9.35 46.15 -24.52
C VAL A 378 8.22 46.50 -25.49
N GLN A 379 7.62 45.50 -26.10
CA GLN A 379 6.55 45.72 -27.06
C GLN A 379 5.19 46.04 -26.44
N PHE A 380 5.09 46.00 -25.11
CA PHE A 380 3.83 46.29 -24.44
C PHE A 380 3.91 47.62 -23.67
N ALA A 381 5.12 48.11 -23.47
CA ALA A 381 5.33 49.37 -22.75
C ALA A 381 4.44 50.43 -23.38
N LYS A 382 3.74 51.18 -22.54
CA LYS A 382 2.82 52.23 -23.01
C LYS A 382 3.41 53.64 -22.98
N ASP A 383 3.18 54.36 -24.08
CA ASP A 383 3.59 55.73 -24.21
C ASP A 383 2.67 56.65 -23.42
N MET A 384 2.68 56.49 -22.11
CA MET A 384 1.75 57.28 -21.30
C MET A 384 2.36 57.58 -19.93
N PRO A 385 1.68 58.42 -19.12
CA PRO A 385 2.17 58.80 -17.79
C PRO A 385 2.22 57.67 -16.77
N GLU A 386 3.30 57.63 -16.00
CA GLU A 386 3.47 56.60 -14.97
C GLU A 386 2.48 56.76 -13.82
N THR A 387 2.06 55.64 -13.24
CA THR A 387 1.13 55.64 -12.12
C THR A 387 1.09 54.28 -11.41
N THR A 388 0.53 54.27 -10.20
CA THR A 388 0.43 53.04 -9.41
C THR A 388 -1.03 52.76 -9.13
N SER A 389 -1.91 53.59 -9.66
CA SER A 389 -3.34 53.44 -9.45
C SER A 389 -4.05 52.61 -10.51
N ILE A 390 -4.70 51.53 -10.08
CA ILE A 390 -5.42 50.68 -11.01
C ILE A 390 -6.52 51.55 -11.60
N LEU A 391 -7.18 52.32 -10.74
CA LEU A 391 -8.27 53.18 -11.18
C LEU A 391 -7.82 54.23 -12.20
N GLU A 392 -6.61 54.76 -12.03
CA GLU A 392 -6.12 55.75 -12.97
C GLU A 392 -5.85 55.11 -14.33
N VAL A 393 -5.29 53.91 -14.31
CA VAL A 393 -4.98 53.19 -15.55
C VAL A 393 -6.28 52.78 -16.24
N ILE A 394 -7.27 52.35 -15.46
CA ILE A 394 -8.56 51.95 -16.01
C ILE A 394 -9.19 53.13 -16.73
N ARG A 395 -9.37 54.25 -16.02
CA ARG A 395 -9.95 55.45 -16.59
C ARG A 395 -9.21 55.95 -17.84
N ALA A 396 -7.91 55.75 -17.90
CA ALA A 396 -7.12 56.20 -19.03
C ALA A 396 -7.24 55.31 -20.27
N ALA A 397 -7.31 54.00 -20.06
CA ALA A 397 -7.41 53.06 -21.16
C ALA A 397 -8.81 52.49 -21.35
N ARG A 398 -9.64 52.60 -20.31
CA ARG A 398 -11.00 52.08 -20.36
C ARG A 398 -10.99 50.67 -20.95
N PRO A 399 -10.17 49.76 -20.39
CA PRO A 399 -10.11 48.39 -20.89
C PRO A 399 -11.47 47.72 -20.81
N GLY A 400 -11.66 46.66 -21.58
CA GLY A 400 -12.92 45.94 -21.55
C GLY A 400 -12.77 44.69 -20.69
N ALA A 401 -11.52 44.31 -20.46
CA ALA A 401 -11.20 43.14 -19.66
C ALA A 401 -10.11 43.43 -18.64
N LEU A 402 -10.31 42.94 -17.42
CA LEU A 402 -9.36 43.12 -16.33
C LEU A 402 -8.87 41.75 -15.89
N ILE A 403 -7.58 41.49 -16.09
CA ILE A 403 -6.99 40.22 -15.72
C ILE A 403 -5.92 40.33 -14.63
N GLY A 404 -6.17 39.70 -13.49
CA GLY A 404 -5.19 39.74 -12.41
C GLY A 404 -4.37 38.47 -12.21
N ALA A 405 -3.05 38.63 -12.30
CA ALA A 405 -2.11 37.53 -12.09
C ALA A 405 -1.00 38.10 -11.21
N SER A 406 -1.43 38.59 -10.05
CA SER A 406 -0.54 39.19 -9.06
C SER A 406 -1.02 38.64 -7.71
N THR A 407 -0.16 37.90 -7.05
CA THR A 407 -0.45 37.29 -5.76
C THR A 407 -1.11 38.18 -4.69
N VAL A 408 -1.59 39.36 -5.07
CA VAL A 408 -2.21 40.27 -4.11
C VAL A 408 -3.70 40.05 -3.85
N ARG A 409 -4.02 39.57 -2.65
CA ARG A 409 -5.38 39.31 -2.24
C ARG A 409 -6.27 40.56 -2.35
N GLY A 410 -7.48 40.36 -2.86
CA GLY A 410 -8.45 41.44 -3.00
C GLY A 410 -8.00 42.77 -3.58
N ALA A 411 -7.06 42.75 -4.52
CA ALA A 411 -6.59 43.98 -5.15
C ALA A 411 -7.66 44.58 -6.07
N PHE A 412 -8.67 43.77 -6.39
CA PHE A 412 -9.77 44.21 -7.23
C PHE A 412 -10.93 44.56 -6.31
N ASN A 413 -10.82 45.72 -5.67
CA ASN A 413 -11.83 46.18 -4.72
C ASN A 413 -13.05 46.78 -5.42
N GLU A 414 -14.09 47.04 -4.61
CA GLU A 414 -15.33 47.62 -5.10
C GLU A 414 -15.10 48.75 -6.08
N GLU A 415 -14.30 49.74 -5.70
CA GLU A 415 -14.04 50.86 -6.60
C GLU A 415 -13.51 50.43 -7.95
N VAL A 416 -12.64 49.42 -7.96
CA VAL A 416 -12.08 48.94 -9.23
C VAL A 416 -13.12 48.22 -10.05
N ILE A 417 -13.88 47.35 -9.39
CA ILE A 417 -14.92 46.59 -10.05
C ILE A 417 -15.96 47.56 -10.62
N ARG A 418 -16.38 48.51 -9.80
CA ARG A 418 -17.36 49.52 -10.19
C ARG A 418 -16.88 50.25 -11.44
N ALA A 419 -15.61 50.62 -11.44
CA ALA A 419 -15.05 51.32 -12.58
C ALA A 419 -15.24 50.51 -13.85
N MET A 420 -14.90 49.23 -13.78
CA MET A 420 -15.03 48.35 -14.93
C MET A 420 -16.48 48.24 -15.39
N ALA A 421 -17.39 48.19 -14.42
CA ALA A 421 -18.80 48.09 -14.72
C ALA A 421 -19.36 49.51 -14.84
N GLU A 422 -18.76 50.28 -15.75
CA GLU A 422 -19.17 51.65 -15.98
C GLU A 422 -18.70 51.99 -17.39
N ILE A 423 -17.52 51.47 -17.73
CA ILE A 423 -16.95 51.68 -19.04
C ILE A 423 -17.40 50.52 -19.93
N ASN A 424 -17.92 49.47 -19.30
CA ASN A 424 -18.36 48.28 -20.03
C ASN A 424 -19.69 47.71 -19.53
N GLU A 425 -20.55 47.33 -20.47
CA GLU A 425 -21.85 46.75 -20.14
C GLU A 425 -21.69 45.38 -19.47
N ARG A 426 -20.72 44.61 -19.94
CA ARG A 426 -20.43 43.29 -19.40
C ARG A 426 -18.91 43.18 -19.20
N PRO A 427 -18.40 43.76 -18.11
CA PRO A 427 -16.98 43.76 -17.76
C PRO A 427 -16.39 42.38 -17.55
N ILE A 428 -15.22 42.16 -18.14
CA ILE A 428 -14.52 40.89 -18.02
C ILE A 428 -13.53 41.01 -16.87
N ILE A 429 -13.75 40.23 -15.80
CA ILE A 429 -12.87 40.26 -14.64
C ILE A 429 -12.32 38.86 -14.36
N PHE A 430 -11.01 38.71 -14.50
CA PHE A 430 -10.35 37.44 -14.25
C PHE A 430 -9.38 37.55 -13.07
N ALA A 431 -9.69 36.87 -11.97
CA ALA A 431 -8.84 36.87 -10.77
C ALA A 431 -8.15 35.51 -10.78
N LEU A 432 -6.94 35.48 -11.33
CA LEU A 432 -6.19 34.24 -11.50
C LEU A 432 -5.23 33.79 -10.40
N SER A 433 -4.84 34.70 -9.50
CA SER A 433 -3.91 34.30 -8.44
C SER A 433 -4.47 33.13 -7.63
N ASN A 434 -3.58 32.21 -7.27
CA ASN A 434 -3.96 31.02 -6.51
C ASN A 434 -3.27 31.04 -5.14
N PRO A 435 -3.90 30.44 -4.12
CA PRO A 435 -5.22 29.80 -4.18
C PRO A 435 -6.28 30.88 -4.08
N THR A 436 -7.52 30.50 -3.77
CA THR A 436 -8.60 31.47 -3.64
C THR A 436 -8.22 32.58 -2.65
N SER A 437 -7.45 32.22 -1.62
CA SER A 437 -7.03 33.20 -0.62
C SER A 437 -6.15 34.30 -1.19
N LYS A 438 -5.69 34.14 -2.42
CA LYS A 438 -4.85 35.17 -3.05
C LYS A 438 -5.58 35.86 -4.20
N ALA A 439 -6.79 35.37 -4.48
CA ALA A 439 -7.60 35.91 -5.56
C ALA A 439 -7.77 37.43 -5.47
N GLU A 440 -7.53 38.12 -6.58
CA GLU A 440 -7.66 39.57 -6.64
C GLU A 440 -9.08 39.99 -6.23
N CYS A 441 -10.01 39.04 -6.28
CA CYS A 441 -11.40 39.26 -5.87
C CYS A 441 -12.18 37.96 -6.02
N THR A 442 -13.19 37.77 -5.17
CA THR A 442 -14.00 36.57 -5.23
C THR A 442 -15.06 36.76 -6.31
N ALA A 443 -15.75 35.69 -6.67
CA ALA A 443 -16.80 35.76 -7.68
C ALA A 443 -17.94 36.59 -7.12
N GLU A 444 -18.28 36.31 -5.85
CA GLU A 444 -19.35 37.01 -5.17
C GLU A 444 -19.20 38.53 -5.24
N GLU A 445 -17.95 39.00 -5.11
CA GLU A 445 -17.66 40.42 -5.16
C GLU A 445 -17.78 40.97 -6.57
N ALA A 446 -17.33 40.20 -7.55
CA ALA A 446 -17.39 40.63 -8.95
C ALA A 446 -18.83 40.77 -9.46
N TYR A 447 -19.71 39.88 -9.02
CA TYR A 447 -21.09 39.93 -9.45
C TYR A 447 -21.88 40.98 -8.68
N THR A 448 -21.67 41.02 -7.37
CA THR A 448 -22.36 41.99 -6.53
C THR A 448 -22.05 43.43 -6.95
N PHE A 449 -20.76 43.71 -7.16
CA PHE A 449 -20.31 45.04 -7.55
C PHE A 449 -20.48 45.39 -9.02
N THR A 450 -21.23 44.57 -9.74
CA THR A 450 -21.49 44.82 -11.15
C THR A 450 -22.96 44.52 -11.42
N ASN A 451 -23.70 44.28 -10.34
CA ASN A 451 -25.12 43.97 -10.43
C ASN A 451 -25.29 42.72 -11.29
N GLY A 452 -24.31 41.84 -11.22
CA GLY A 452 -24.35 40.59 -11.97
C GLY A 452 -24.19 40.72 -13.47
N ALA A 453 -23.28 41.58 -13.91
CA ALA A 453 -23.06 41.78 -15.33
C ALA A 453 -21.63 41.42 -15.73
N ALA A 454 -20.77 41.26 -14.73
CA ALA A 454 -19.37 40.93 -14.99
C ALA A 454 -19.17 39.51 -15.53
N LEU A 455 -18.16 39.36 -16.39
CA LEU A 455 -17.82 38.06 -16.96
C LEU A 455 -16.60 37.63 -16.15
N TYR A 456 -16.84 36.86 -15.10
CA TYR A 456 -15.79 36.43 -14.19
C TYR A 456 -15.28 35.00 -14.33
N ALA A 457 -13.97 34.85 -14.13
CA ALA A 457 -13.29 33.56 -14.18
C ALA A 457 -12.18 33.65 -13.12
N SER A 458 -11.81 32.52 -12.53
CA SER A 458 -10.77 32.53 -11.51
C SER A 458 -9.80 31.36 -11.64
N GLY A 459 -8.65 31.50 -10.99
CA GLY A 459 -7.67 30.43 -11.04
C GLY A 459 -8.13 29.31 -10.12
N SER A 460 -8.68 29.70 -8.97
CA SER A 460 -9.18 28.75 -7.99
C SER A 460 -10.70 28.86 -7.86
N PRO A 461 -11.39 27.72 -7.91
CA PRO A 461 -12.85 27.54 -7.82
C PRO A 461 -13.60 28.26 -6.70
N PHE A 462 -14.67 28.97 -7.07
CA PHE A 462 -15.52 29.67 -6.11
C PHE A 462 -16.94 29.11 -6.18
N PRO A 463 -17.65 29.05 -5.05
CA PRO A 463 -19.02 28.53 -5.01
C PRO A 463 -19.96 29.28 -5.95
N ASN A 464 -21.17 28.74 -6.13
CA ASN A 464 -22.16 29.39 -6.99
C ASN A 464 -22.74 30.58 -6.25
N PHE A 465 -23.11 31.62 -6.98
CA PHE A 465 -23.68 32.81 -6.37
C PHE A 465 -25.12 33.06 -6.80
N GLU A 466 -25.95 33.49 -5.84
CA GLU A 466 -27.35 33.77 -6.12
C GLU A 466 -27.73 35.19 -5.77
N LEU A 467 -27.78 36.05 -6.77
CA LEU A 467 -28.11 37.47 -6.59
C LEU A 467 -29.38 37.88 -7.31
N ASN A 468 -30.36 38.35 -6.55
CA ASN A 468 -31.64 38.80 -7.10
C ASN A 468 -32.26 37.78 -8.05
N GLY A 469 -32.30 36.53 -7.62
CA GLY A 469 -32.88 35.48 -8.47
C GLY A 469 -31.88 34.85 -9.41
N HIS A 470 -31.20 35.68 -10.20
CA HIS A 470 -30.21 35.22 -11.16
C HIS A 470 -29.09 34.42 -10.48
N THR A 471 -28.89 33.18 -10.93
CA THR A 471 -27.86 32.32 -10.37
C THR A 471 -26.60 32.43 -11.22
N TYR A 472 -25.44 32.40 -10.57
CA TYR A 472 -24.17 32.49 -11.28
C TYR A 472 -23.24 31.33 -10.93
N LYS A 473 -22.61 30.76 -11.96
CA LYS A 473 -21.68 29.66 -11.79
C LYS A 473 -20.33 30.09 -12.36
N PRO A 474 -19.55 30.85 -11.57
CA PRO A 474 -18.24 31.31 -12.04
C PRO A 474 -17.33 30.13 -12.39
N GLY A 475 -16.60 30.26 -13.49
CA GLY A 475 -15.72 29.19 -13.93
C GLY A 475 -14.26 29.34 -13.54
N GLN A 476 -13.50 28.26 -13.74
CA GLN A 476 -12.08 28.23 -13.40
C GLN A 476 -11.25 28.13 -14.68
N GLY A 477 -10.17 28.91 -14.77
CA GLY A 477 -9.32 28.84 -15.94
C GLY A 477 -8.29 27.74 -15.73
N ASN A 478 -8.79 26.50 -15.69
CA ASN A 478 -7.95 25.33 -15.46
C ASN A 478 -7.21 24.83 -16.69
N ASN A 479 -5.90 24.67 -16.56
CA ASN A 479 -5.06 24.18 -17.66
C ASN A 479 -5.52 22.83 -18.16
N ALA A 480 -6.18 22.06 -17.28
CA ALA A 480 -6.68 20.75 -17.62
C ALA A 480 -7.58 20.75 -18.84
N TYR A 481 -8.10 21.93 -19.21
CA TYR A 481 -8.98 22.06 -20.39
C TYR A 481 -8.18 21.97 -21.68
N ILE A 482 -6.89 22.28 -21.59
CA ILE A 482 -6.02 22.28 -22.75
C ILE A 482 -5.00 21.14 -22.88
N PHE A 483 -4.07 21.03 -21.93
CA PHE A 483 -3.01 20.02 -22.02
C PHE A 483 -3.38 18.56 -22.34
N PRO A 484 -4.48 18.04 -21.81
CA PRO A 484 -4.79 16.64 -22.15
C PRO A 484 -4.97 16.49 -23.66
N GLY A 485 -5.88 17.27 -24.22
CA GLY A 485 -6.15 17.21 -25.65
C GLY A 485 -4.96 17.54 -26.52
N VAL A 486 -4.15 18.50 -26.08
CA VAL A 486 -2.97 18.87 -26.86
C VAL A 486 -1.97 17.71 -26.83
N ALA A 487 -1.90 17.02 -25.70
CA ALA A 487 -1.02 15.89 -25.55
C ALA A 487 -1.53 14.73 -26.43
N LEU A 488 -2.82 14.44 -26.33
CA LEU A 488 -3.44 13.36 -27.10
C LEU A 488 -3.20 13.51 -28.59
N GLY A 489 -3.62 14.65 -29.15
CA GLY A 489 -3.42 14.90 -30.56
C GLY A 489 -1.98 14.79 -30.96
N THR A 490 -1.09 15.31 -30.14
CA THR A 490 0.34 15.28 -30.41
C THR A 490 0.89 13.85 -30.47
N ILE A 491 0.43 13.00 -29.55
CA ILE A 491 0.90 11.63 -29.50
C ILE A 491 0.34 10.80 -30.66
N LEU A 492 -0.99 10.71 -30.74
CA LEU A 492 -1.65 9.93 -31.78
C LEU A 492 -1.23 10.23 -33.21
N PHE A 493 -0.94 11.49 -33.51
CA PHE A 493 -0.53 11.87 -34.86
C PHE A 493 0.94 12.15 -35.03
N GLN A 494 1.71 12.01 -33.96
CA GLN A 494 3.15 12.23 -34.01
C GLN A 494 3.52 13.60 -34.56
N ILE A 495 2.86 14.63 -34.05
CA ILE A 495 3.14 15.99 -34.46
C ILE A 495 4.59 16.26 -34.06
N ARG A 496 5.39 16.77 -34.98
CA ARG A 496 6.80 17.04 -34.73
C ARG A 496 7.08 18.12 -33.68
N HIS A 497 6.34 19.22 -33.76
CA HIS A 497 6.52 20.32 -32.83
C HIS A 497 5.17 20.97 -32.52
N VAL A 498 5.04 21.47 -31.30
CA VAL A 498 3.81 22.12 -30.87
C VAL A 498 4.05 23.63 -30.74
N ASP A 499 3.37 24.41 -31.58
CA ASP A 499 3.53 25.86 -31.53
C ASP A 499 2.28 26.59 -31.06
N ASN A 500 2.40 27.91 -30.96
CA ASN A 500 1.29 28.75 -30.51
C ASN A 500 0.01 28.49 -31.28
N ASP A 501 0.14 28.36 -32.60
CA ASP A 501 -1.02 28.13 -33.44
C ASP A 501 -1.84 26.96 -32.93
N LEU A 502 -1.16 25.87 -32.56
CA LEU A 502 -1.86 24.70 -32.06
C LEU A 502 -2.54 24.95 -30.70
N PHE A 503 -1.89 25.70 -29.81
CA PHE A 503 -2.51 26.01 -28.52
C PHE A 503 -3.72 26.91 -28.76
N LEU A 504 -3.60 27.79 -29.74
CA LEU A 504 -4.69 28.71 -30.09
C LEU A 504 -5.86 27.88 -30.61
N LEU A 505 -5.54 26.86 -31.40
CA LEU A 505 -6.54 25.96 -31.97
C LEU A 505 -7.23 25.23 -30.82
N ALA A 506 -6.45 24.83 -29.83
CA ALA A 506 -7.02 24.14 -28.68
C ALA A 506 -7.94 25.09 -27.92
N ALA A 507 -7.50 26.34 -27.77
CA ALA A 507 -8.28 27.35 -27.05
C ALA A 507 -9.59 27.63 -27.77
N LYS A 508 -9.53 27.75 -29.09
CA LYS A 508 -10.73 28.01 -29.86
C LYS A 508 -11.69 26.85 -29.69
N LYS A 509 -11.15 25.64 -29.62
CA LYS A 509 -11.98 24.45 -29.45
C LYS A 509 -12.66 24.44 -28.08
N VAL A 510 -11.92 24.82 -27.05
CA VAL A 510 -12.52 24.84 -25.72
C VAL A 510 -13.68 25.84 -25.72
N ALA A 511 -13.44 27.01 -26.31
CA ALA A 511 -14.47 28.04 -26.37
C ALA A 511 -15.73 27.55 -27.07
N SER A 512 -15.56 26.89 -28.21
CA SER A 512 -16.69 26.39 -29.00
C SER A 512 -17.56 25.37 -28.26
N CYS A 513 -17.02 24.77 -27.20
CA CYS A 513 -17.78 23.77 -26.45
C CYS A 513 -18.58 24.35 -25.30
N VAL A 514 -18.45 25.65 -25.07
CA VAL A 514 -19.21 26.31 -24.00
C VAL A 514 -20.66 26.40 -24.48
N THR A 515 -21.56 25.75 -23.75
CA THR A 515 -22.98 25.74 -24.10
C THR A 515 -23.74 27.00 -23.69
N GLU A 516 -24.89 27.21 -24.31
CA GLU A 516 -25.72 28.37 -24.00
C GLU A 516 -26.28 28.28 -22.60
N ASP A 517 -26.63 27.07 -22.18
CA ASP A 517 -27.20 26.85 -20.86
C ASP A 517 -26.24 27.27 -19.75
N SER A 518 -24.94 27.27 -20.05
CA SER A 518 -23.94 27.66 -19.06
C SER A 518 -23.60 29.13 -19.22
N LEU A 519 -23.68 29.59 -20.47
CA LEU A 519 -23.38 30.99 -20.77
C LEU A 519 -24.42 31.89 -20.10
N LYS A 520 -25.64 31.36 -19.94
CA LYS A 520 -26.71 32.12 -19.32
C LYS A 520 -26.54 32.14 -17.81
N VAL A 521 -25.58 31.35 -17.33
CA VAL A 521 -25.30 31.28 -15.90
C VAL A 521 -23.90 31.87 -15.65
N GLY A 522 -23.45 32.72 -16.56
CA GLY A 522 -22.15 33.35 -16.43
C GLY A 522 -20.95 32.41 -16.45
N ARG A 523 -21.07 31.29 -17.15
CA ARG A 523 -19.98 30.34 -17.22
C ARG A 523 -19.28 30.45 -18.57
N VAL A 524 -18.00 30.78 -18.56
CA VAL A 524 -17.22 30.93 -19.79
C VAL A 524 -16.24 29.76 -20.02
N TYR A 525 -16.52 28.64 -19.37
CA TYR A 525 -15.71 27.43 -19.50
C TYR A 525 -16.62 26.22 -19.47
N PRO A 526 -16.29 25.17 -20.23
CA PRO A 526 -17.13 23.97 -20.26
C PRO A 526 -17.02 23.27 -18.91
N GLN A 527 -17.92 22.33 -18.65
CA GLN A 527 -17.89 21.59 -17.40
C GLN A 527 -16.73 20.59 -17.47
N LEU A 528 -16.04 20.42 -16.35
CA LEU A 528 -14.90 19.52 -16.28
C LEU A 528 -15.18 18.11 -16.80
N LYS A 529 -16.36 17.58 -16.53
CA LYS A 529 -16.69 16.23 -16.99
C LYS A 529 -16.70 16.12 -18.51
N GLU A 530 -16.56 17.24 -19.20
CA GLU A 530 -16.58 17.23 -20.65
C GLU A 530 -15.19 17.24 -21.29
N ILE A 531 -14.15 17.33 -20.48
CA ILE A 531 -12.80 17.37 -21.01
C ILE A 531 -12.39 16.18 -21.89
N ARG A 532 -12.89 14.98 -21.58
CA ARG A 532 -12.53 13.82 -22.40
C ARG A 532 -12.99 14.02 -23.83
N GLU A 533 -14.23 14.47 -24.00
CA GLU A 533 -14.81 14.72 -25.32
C GLU A 533 -14.08 15.90 -25.96
N ILE A 534 -13.84 16.94 -25.18
CA ILE A 534 -13.15 18.12 -25.69
C ILE A 534 -11.77 17.71 -26.17
N SER A 535 -11.10 16.87 -25.39
CA SER A 535 -9.76 16.38 -25.73
C SER A 535 -9.74 15.66 -27.10
N ILE A 536 -10.76 14.84 -27.35
CA ILE A 536 -10.86 14.12 -28.60
C ILE A 536 -11.06 15.11 -29.75
N GLN A 537 -11.96 16.07 -29.55
CA GLN A 537 -12.24 17.06 -30.57
C GLN A 537 -11.00 17.88 -30.86
N ILE A 538 -10.20 18.13 -29.84
CA ILE A 538 -8.97 18.88 -30.04
C ILE A 538 -7.98 18.05 -30.84
N ALA A 539 -7.87 16.77 -30.49
CA ALA A 539 -6.95 15.86 -31.17
C ALA A 539 -7.23 15.80 -32.67
N VAL A 540 -8.50 15.64 -33.03
CA VAL A 540 -8.91 15.59 -34.43
C VAL A 540 -8.61 16.90 -35.15
N GLU A 541 -8.92 18.02 -34.49
CA GLU A 541 -8.69 19.33 -35.10
C GLU A 541 -7.19 19.53 -35.37
N MET A 542 -6.36 19.12 -34.42
CA MET A 542 -4.92 19.24 -34.57
C MET A 542 -4.43 18.42 -35.77
N ALA A 543 -5.06 17.27 -36.00
CA ALA A 543 -4.67 16.40 -37.11
C ALA A 543 -4.93 17.16 -38.41
N LYS A 544 -6.16 17.64 -38.58
CA LYS A 544 -6.53 18.38 -39.78
C LYS A 544 -5.51 19.50 -40.05
N TYR A 545 -5.27 20.32 -39.04
CA TYR A 545 -4.33 21.43 -39.15
C TYR A 545 -2.92 20.96 -39.49
N CYS A 546 -2.46 19.92 -38.80
CA CYS A 546 -1.11 19.42 -39.02
C CYS A 546 -0.88 18.69 -40.34
N TYR A 547 -1.87 17.98 -40.83
CA TYR A 547 -1.70 17.28 -42.11
C TYR A 547 -1.60 18.32 -43.24
N LYS A 548 -2.30 19.44 -43.09
CA LYS A 548 -2.27 20.49 -44.09
C LYS A 548 -0.88 21.12 -44.24
N ASN A 549 -0.19 21.35 -43.13
CA ASN A 549 1.14 21.93 -43.22
C ASN A 549 2.25 20.89 -43.07
N GLY A 550 1.88 19.62 -43.20
CA GLY A 550 2.84 18.54 -43.12
C GLY A 550 3.69 18.43 -41.88
N THR A 551 3.08 18.58 -40.71
CA THR A 551 3.83 18.49 -39.46
C THR A 551 3.45 17.24 -38.68
N ALA A 552 2.40 16.55 -39.13
CA ALA A 552 1.99 15.31 -38.49
C ALA A 552 2.80 14.19 -39.13
N ASN A 553 3.53 13.44 -38.32
CA ASN A 553 4.36 12.36 -38.85
C ASN A 553 3.66 11.03 -39.03
N LEU A 554 2.49 10.85 -38.40
CA LEU A 554 1.79 9.59 -38.58
C LEU A 554 1.47 9.48 -40.07
N TYR A 555 1.97 8.42 -40.69
CA TYR A 555 1.76 8.18 -42.10
C TYR A 555 1.13 6.80 -42.29
N PRO A 556 0.05 6.73 -43.09
CA PRO A 556 -0.57 7.85 -43.79
C PRO A 556 -1.67 8.45 -42.92
N GLN A 557 -2.25 9.56 -43.36
CA GLN A 557 -3.32 10.18 -42.62
C GLN A 557 -4.48 9.18 -42.55
N PRO A 558 -4.97 8.86 -41.35
CA PRO A 558 -6.08 7.91 -41.27
C PRO A 558 -7.31 8.40 -42.01
N GLU A 559 -7.98 7.48 -42.70
CA GLU A 559 -9.18 7.77 -43.48
C GLU A 559 -10.27 8.48 -42.67
N ASP A 560 -10.42 8.10 -41.41
CA ASP A 560 -11.43 8.72 -40.56
C ASP A 560 -10.80 9.17 -39.24
N LEU A 561 -10.35 10.42 -39.21
CA LEU A 561 -9.69 11.01 -38.05
C LEU A 561 -10.40 10.76 -36.72
N GLU A 562 -11.67 11.13 -36.66
CA GLU A 562 -12.45 10.96 -35.44
C GLU A 562 -12.55 9.51 -34.98
N LYS A 563 -12.80 8.60 -35.93
CA LYS A 563 -12.91 7.19 -35.57
C LYS A 563 -11.58 6.64 -35.07
N TYR A 564 -10.50 6.99 -35.76
CA TYR A 564 -9.15 6.56 -35.37
C TYR A 564 -8.89 7.00 -33.92
N VAL A 565 -9.11 8.29 -33.64
CA VAL A 565 -8.90 8.83 -32.30
C VAL A 565 -9.77 8.16 -31.24
N ARG A 566 -11.06 8.00 -31.52
CA ARG A 566 -11.97 7.37 -30.58
C ARG A 566 -11.61 5.90 -30.33
N ALA A 567 -10.91 5.28 -31.27
CA ALA A 567 -10.53 3.88 -31.06
C ALA A 567 -9.20 3.82 -30.29
N GLN A 568 -8.46 4.93 -30.28
CA GLN A 568 -7.18 5.01 -29.61
C GLN A 568 -7.22 5.37 -28.12
N VAL A 569 -8.20 6.17 -27.72
CA VAL A 569 -8.29 6.60 -26.33
C VAL A 569 -8.50 5.49 -25.31
N TYR A 570 -8.01 5.72 -24.10
CA TYR A 570 -8.10 4.77 -23.01
C TYR A 570 -9.54 4.40 -22.64
N ASN A 571 -9.77 3.13 -22.36
CA ASN A 571 -11.08 2.63 -21.99
C ASN A 571 -11.02 2.13 -20.55
N THR A 572 -11.75 2.80 -19.67
CA THR A 572 -11.77 2.46 -18.25
C THR A 572 -12.46 1.15 -17.92
N GLU A 573 -13.11 0.54 -18.90
CA GLU A 573 -13.81 -0.73 -18.69
C GLU A 573 -12.83 -1.92 -18.60
N TYR A 574 -13.17 -2.89 -17.77
CA TYR A 574 -12.34 -4.07 -17.64
C TYR A 574 -12.31 -4.81 -18.99
N GLU A 575 -11.16 -5.34 -19.36
CA GLU A 575 -11.02 -6.07 -20.60
C GLU A 575 -10.71 -7.55 -20.35
N GLU A 576 -10.91 -8.38 -21.36
CA GLU A 576 -10.62 -9.80 -21.26
C GLU A 576 -9.11 -9.98 -21.28
N LEU A 577 -8.59 -10.83 -20.40
CA LEU A 577 -7.16 -11.08 -20.35
C LEU A 577 -6.82 -12.47 -20.91
N ILE A 578 -7.85 -13.25 -21.21
CA ILE A 578 -7.68 -14.59 -21.76
C ILE A 578 -7.85 -14.60 -23.28
N ASN A 579 -6.92 -15.28 -23.96
CA ASN A 579 -6.98 -15.36 -25.43
C ASN A 579 -8.36 -15.80 -25.91
N ALA A 580 -8.80 -15.21 -27.00
CA ALA A 580 -10.08 -15.61 -27.59
C ALA A 580 -9.72 -16.83 -28.43
N THR A 581 -10.60 -17.84 -28.43
CA THR A 581 -10.37 -19.05 -29.20
C THR A 581 -11.34 -19.03 -30.39
N TYR A 582 -10.97 -19.72 -31.46
CA TYR A 582 -11.83 -19.74 -32.63
C TYR A 582 -11.59 -20.98 -33.48
N ASP A 583 -12.66 -21.46 -34.10
CA ASP A 583 -12.62 -22.65 -34.92
C ASP A 583 -12.00 -22.47 -36.28
N TRP A 584 -11.53 -23.59 -36.80
CA TRP A 584 -10.96 -23.67 -38.12
C TRP A 584 -11.94 -24.64 -38.79
N PRO A 585 -11.91 -24.76 -40.13
CA PRO A 585 -12.86 -25.70 -40.73
C PRO A 585 -12.65 -27.05 -40.05
N GLU A 586 -13.74 -27.68 -39.62
CA GLU A 586 -13.66 -28.96 -38.94
C GLU A 586 -12.60 -29.93 -39.45
N GLN A 587 -12.52 -30.11 -40.77
CA GLN A 587 -11.55 -31.05 -41.33
C GLN A 587 -10.10 -30.61 -41.12
N ASP A 588 -9.90 -29.30 -40.98
CA ASP A 588 -8.56 -28.79 -40.79
C ASP A 588 -8.08 -28.81 -39.33
N MET A 589 -8.99 -29.07 -38.39
CA MET A 589 -8.63 -29.11 -36.97
C MET A 589 -8.46 -30.53 -36.47
N ARG A 590 -8.56 -31.51 -37.37
CA ARG A 590 -8.45 -32.92 -37.00
C ARG A 590 -7.04 -33.33 -36.62
N HIS A 591 -6.94 -34.20 -35.61
CA HIS A 591 -5.66 -34.73 -35.15
C HIS A 591 -5.51 -36.13 -35.73
N GLY A 592 -4.33 -36.45 -36.26
CA GLY A 592 -4.11 -37.77 -36.81
C GLY A 592 -3.58 -37.70 -38.23
N PHE A 593 -3.03 -38.80 -38.72
CA PHE A 593 -2.50 -38.83 -40.07
C PHE A 593 -3.54 -38.34 -41.07
N PRO A 594 -3.12 -37.47 -42.00
CA PRO A 594 -4.05 -36.96 -43.01
C PRO A 594 -4.28 -38.08 -44.02
N VAL A 595 -3.25 -38.89 -44.24
CA VAL A 595 -3.31 -40.03 -45.15
C VAL A 595 -2.88 -41.27 -44.37
N PRO A 596 -3.71 -42.32 -44.38
CA PRO A 596 -3.41 -43.56 -43.66
C PRO A 596 -2.13 -44.31 -44.03
N VAL A 597 -1.53 -44.93 -43.02
CA VAL A 597 -0.33 -45.70 -43.19
C VAL A 597 -0.47 -46.91 -42.28
N VAL A 598 0.34 -47.93 -42.52
CA VAL A 598 0.31 -49.13 -41.69
C VAL A 598 1.18 -48.86 -40.46
N ARG A 599 0.66 -49.16 -39.28
CA ARG A 599 1.42 -48.93 -38.05
C ARG A 599 2.70 -49.77 -38.00
N HIS A 600 3.78 -49.18 -37.50
CA HIS A 600 5.06 -49.89 -37.37
C HIS A 600 4.90 -51.05 -36.40
N ASP A 601 5.91 -51.91 -36.37
CA ASP A 601 5.95 -53.07 -35.47
C ASP A 601 7.13 -52.81 -34.53
N SER A 602 7.16 -53.46 -33.37
CA SER A 602 8.26 -53.25 -32.42
C SER A 602 9.20 -54.48 -32.22
N MET A 603 9.44 -54.90 -30.97
CA MET A 603 10.37 -56.05 -30.61
C MET A 603 10.48 -57.58 -31.05
N SER B 2 31.57 -9.94 -6.97
CA SER B 2 32.82 -11.15 -6.55
C SER B 2 34.45 -11.56 -5.86
N VAL B 3 35.14 -12.87 -5.80
CA VAL B 3 37.00 -13.75 -5.22
C VAL B 3 39.01 -14.78 -5.45
N ALA B 4 40.23 -15.10 -4.60
CA ALA B 4 41.46 -15.94 -5.05
C ALA B 4 41.20 -17.42 -5.22
N HIS B 5 41.94 -18.07 -6.12
CA HIS B 5 41.72 -19.48 -6.38
C HIS B 5 41.87 -20.38 -5.16
N HIS B 6 42.60 -19.92 -4.14
CA HIS B 6 42.80 -20.70 -2.92
C HIS B 6 41.76 -20.37 -1.84
N GLU B 7 40.87 -19.42 -2.13
CA GLU B 7 39.84 -19.03 -1.18
C GLU B 7 38.46 -19.59 -1.53
N ASP B 8 37.60 -19.61 -0.53
CA ASP B 8 36.23 -20.07 -0.71
C ASP B 8 35.44 -18.77 -0.80
N VAL B 9 34.29 -18.83 -1.46
CA VAL B 9 33.44 -17.64 -1.60
C VAL B 9 32.95 -17.25 -0.20
N TYR B 10 32.49 -16.00 -0.08
CA TYR B 10 32.00 -15.44 1.19
C TYR B 10 32.51 -16.10 2.48
N SER B 11 33.83 -16.06 2.66
CA SER B 11 34.46 -16.64 3.84
C SER B 11 35.51 -15.71 4.47
N HIS B 12 35.32 -14.41 4.33
CA HIS B 12 36.28 -13.45 4.89
C HIS B 12 35.93 -13.06 6.32
N ASN B 13 36.94 -12.64 7.07
CA ASN B 13 36.75 -12.22 8.46
C ASN B 13 36.04 -13.30 9.29
N LEU B 14 36.44 -14.55 9.11
CA LEU B 14 35.83 -15.65 9.86
C LEU B 14 36.60 -15.89 11.16
N PRO B 15 35.88 -16.05 12.28
CA PRO B 15 36.52 -16.28 13.57
C PRO B 15 37.48 -17.47 13.51
N PRO B 16 38.48 -17.50 14.41
CA PRO B 16 39.44 -18.60 14.41
C PRO B 16 38.72 -19.93 14.61
N MET B 17 39.01 -20.90 13.74
CA MET B 17 38.38 -22.20 13.82
C MET B 17 39.34 -23.33 13.47
N ASP B 18 39.17 -24.46 14.14
CA ASP B 18 39.98 -25.64 13.90
C ASP B 18 39.46 -26.33 12.65
N GLU B 19 40.33 -27.06 11.96
CA GLU B 19 39.97 -27.78 10.73
C GLU B 19 38.57 -28.38 10.76
N LYS B 20 38.23 -29.05 11.86
CA LYS B 20 36.91 -29.67 12.02
C LYS B 20 35.80 -28.65 12.21
N GLU B 21 36.08 -27.63 13.03
CA GLU B 21 35.10 -26.59 13.29
C GLU B 21 34.80 -25.86 11.98
N MET B 22 35.83 -25.69 11.17
CA MET B 22 35.68 -25.03 9.87
C MET B 22 34.76 -25.88 9.01
N ALA B 23 35.00 -27.18 9.00
CA ALA B 23 34.19 -28.09 8.19
C ALA B 23 32.72 -28.07 8.60
N LEU B 24 32.46 -28.17 9.89
CA LEU B 24 31.07 -28.18 10.36
C LEU B 24 30.38 -26.85 10.09
N TYR B 25 31.15 -25.77 10.13
CA TYR B 25 30.63 -24.43 9.89
C TYR B 25 30.17 -24.30 8.43
N LYS B 26 30.99 -24.80 7.52
CA LYS B 26 30.68 -24.74 6.09
C LYS B 26 29.49 -25.62 5.76
N LEU B 27 29.38 -26.74 6.47
CA LEU B 27 28.29 -27.66 6.24
C LEU B 27 26.92 -27.09 6.63
N TYR B 28 26.88 -26.41 7.78
CA TYR B 28 25.64 -25.84 8.30
C TYR B 28 25.29 -24.43 7.80
N ARG B 29 26.30 -23.64 7.45
CA ARG B 29 26.03 -22.26 7.07
C ARG B 29 25.11 -22.00 5.89
N PRO B 30 24.32 -20.92 5.98
CA PRO B 30 23.41 -20.58 4.88
C PRO B 30 24.24 -20.23 3.67
N GLU B 31 23.74 -20.58 2.48
CA GLU B 31 24.41 -20.29 1.24
C GLU B 31 23.68 -19.14 0.56
N ARG B 32 24.36 -18.41 -0.30
CA ARG B 32 23.75 -17.29 -0.99
C ARG B 32 22.76 -17.77 -2.04
N VAL B 33 21.69 -17.00 -2.20
CA VAL B 33 20.65 -17.30 -3.18
C VAL B 33 20.44 -16.03 -4.00
N THR B 34 20.80 -16.09 -5.26
CA THR B 34 20.66 -14.95 -6.17
C THR B 34 19.26 -14.99 -6.78
N PRO B 35 18.56 -13.85 -6.84
CA PRO B 35 17.21 -13.82 -7.41
C PRO B 35 17.23 -13.72 -8.94
N LYS B 36 16.07 -13.90 -9.55
CA LYS B 36 15.94 -13.81 -11.00
C LYS B 36 15.36 -12.44 -11.39
N LYS B 37 14.59 -11.85 -10.48
CA LYS B 37 13.97 -10.56 -10.75
C LYS B 37 14.93 -9.38 -10.81
N ARG B 38 14.50 -8.33 -11.51
CA ARG B 38 15.29 -7.12 -11.68
C ARG B 38 14.34 -5.93 -11.65
N SER B 39 14.91 -4.73 -11.55
CA SER B 39 14.13 -3.51 -11.57
C SER B 39 12.89 -3.54 -10.67
N ALA B 40 11.82 -2.89 -11.14
CA ALA B 40 10.58 -2.80 -10.36
C ALA B 40 10.10 -4.15 -9.86
N GLU B 41 10.23 -5.19 -10.67
CA GLU B 41 9.81 -6.52 -10.23
C GLU B 41 10.56 -6.89 -8.94
N LEU B 42 11.87 -6.65 -8.92
CA LEU B 42 12.65 -6.96 -7.72
C LEU B 42 12.22 -6.03 -6.57
N LEU B 43 12.05 -4.75 -6.86
CA LEU B 43 11.64 -3.79 -5.83
C LEU B 43 10.27 -4.13 -5.23
N LYS B 44 9.42 -4.80 -6.02
CA LYS B 44 8.07 -5.19 -5.59
C LYS B 44 8.03 -6.48 -4.79
N GLU B 45 9.18 -7.13 -4.64
CA GLU B 45 9.27 -8.37 -3.87
C GLU B 45 9.83 -8.00 -2.50
N PRO B 46 8.99 -8.05 -1.45
CA PRO B 46 9.40 -7.72 -0.08
C PRO B 46 10.57 -8.55 0.44
N ARG B 47 10.68 -9.77 -0.03
CA ARG B 47 11.75 -10.64 0.43
C ARG B 47 13.10 -10.26 -0.17
N LEU B 48 13.09 -9.41 -1.18
CA LEU B 48 14.34 -9.02 -1.83
C LEU B 48 14.65 -7.53 -1.64
N ASN B 49 13.60 -6.72 -1.70
CA ASN B 49 13.72 -5.28 -1.60
C ASN B 49 14.32 -4.71 -0.31
N LYS B 50 15.37 -3.92 -0.46
CA LYS B 50 16.05 -3.26 0.65
C LYS B 50 15.72 -1.78 0.55
N GLY B 51 14.96 -1.40 -0.48
CA GLY B 51 14.61 0.00 -0.67
C GLY B 51 15.87 0.85 -0.84
N MET B 52 15.88 2.03 -0.23
CA MET B 52 17.05 2.89 -0.33
C MET B 52 18.27 2.29 0.35
N GLY B 53 18.10 1.10 0.93
CA GLY B 53 19.22 0.43 1.56
C GLY B 53 20.12 -0.19 0.50
N PHE B 54 19.64 -0.26 -0.74
CA PHE B 54 20.44 -0.79 -1.84
C PHE B 54 21.57 0.21 -2.12
N SER B 55 22.78 -0.30 -2.29
CA SER B 55 23.93 0.55 -2.59
C SER B 55 23.83 1.00 -4.04
N LEU B 56 24.59 2.03 -4.41
CA LEU B 56 24.57 2.51 -5.80
C LEU B 56 24.96 1.39 -6.78
N TYR B 57 25.97 0.61 -6.42
CA TYR B 57 26.41 -0.48 -7.29
C TYR B 57 25.32 -1.53 -7.43
N GLU B 58 24.66 -1.88 -6.33
CA GLU B 58 23.60 -2.88 -6.41
C GLU B 58 22.52 -2.40 -7.37
N ARG B 59 22.13 -1.14 -7.23
CA ARG B 59 21.07 -0.57 -8.07
C ARG B 59 21.43 -0.62 -9.55
N GLN B 60 22.70 -0.36 -9.87
CA GLN B 60 23.15 -0.37 -11.24
C GLN B 60 23.14 -1.80 -11.79
N TYR B 61 23.75 -2.71 -11.03
CA TYR B 61 23.83 -4.12 -11.39
C TYR B 61 22.45 -4.77 -11.56
N LEU B 62 21.55 -4.50 -10.64
CA LEU B 62 20.22 -5.09 -10.64
C LEU B 62 19.16 -4.32 -11.42
N GLY B 63 19.57 -3.25 -12.08
CA GLY B 63 18.60 -2.47 -12.85
C GLY B 63 17.57 -1.73 -12.01
N LEU B 64 18.00 -1.26 -10.82
CA LEU B 64 17.12 -0.53 -9.92
C LEU B 64 17.40 0.97 -9.97
N HIS B 65 18.57 1.34 -10.47
CA HIS B 65 18.96 2.74 -10.50
C HIS B 65 17.93 3.65 -11.20
N GLY B 66 17.56 4.73 -10.54
CA GLY B 66 16.58 5.63 -11.13
C GLY B 66 15.17 5.35 -10.63
N LEU B 67 14.93 4.13 -10.15
CA LEU B 67 13.62 3.76 -9.65
C LEU B 67 13.49 4.12 -8.17
N LEU B 68 14.63 4.42 -7.55
CA LEU B 68 14.70 4.78 -6.14
C LEU B 68 15.25 6.19 -6.01
N PRO B 69 14.93 6.87 -4.90
CA PRO B 69 15.41 8.24 -4.67
C PRO B 69 16.93 8.19 -4.52
N PRO B 70 17.63 9.29 -4.85
CA PRO B 70 19.09 9.38 -4.76
C PRO B 70 19.66 9.47 -3.33
N ALA B 71 19.21 8.59 -2.45
CA ALA B 71 19.72 8.57 -1.09
C ALA B 71 20.01 7.12 -0.76
N PHE B 72 21.11 6.90 -0.05
CA PHE B 72 21.54 5.57 0.34
C PHE B 72 21.46 5.50 1.85
N MET B 73 20.87 4.42 2.36
CA MET B 73 20.70 4.29 3.79
C MET B 73 21.26 2.99 4.35
N THR B 74 21.43 2.97 5.66
CA THR B 74 21.89 1.76 6.33
C THR B 74 20.58 1.18 6.81
N GLN B 75 20.56 -0.09 7.19
CA GLN B 75 19.32 -0.67 7.66
C GLN B 75 18.88 -0.02 8.97
N GLU B 76 19.86 0.35 9.79
CA GLU B 76 19.59 0.99 11.07
C GLU B 76 18.92 2.33 10.81
N GLN B 77 19.37 3.03 9.78
CA GLN B 77 18.80 4.32 9.42
C GLN B 77 17.35 4.15 9.00
N GLN B 78 17.07 3.11 8.21
CA GLN B 78 15.71 2.84 7.74
C GLN B 78 14.80 2.48 8.91
N ALA B 79 15.33 1.73 9.87
CA ALA B 79 14.53 1.32 11.02
C ALA B 79 14.14 2.55 11.86
N TYR B 80 15.05 3.52 11.93
CA TYR B 80 14.81 4.76 12.68
C TYR B 80 13.68 5.54 12.02
N ARG B 81 13.73 5.62 10.70
CA ARG B 81 12.70 6.33 9.97
C ARG B 81 11.35 5.69 10.22
N VAL B 82 11.32 4.35 10.27
CA VAL B 82 10.07 3.62 10.50
C VAL B 82 9.53 3.82 11.91
N ILE B 83 10.40 3.76 12.91
CA ILE B 83 9.95 3.94 14.29
C ILE B 83 9.45 5.35 14.52
N THR B 84 10.04 6.33 13.84
CA THR B 84 9.59 7.70 14.00
C THR B 84 8.14 7.83 13.55
N LYS B 85 7.86 7.39 12.32
CA LYS B 85 6.52 7.47 11.79
C LYS B 85 5.53 6.63 12.62
N LEU B 86 6.02 5.52 13.17
CA LEU B 86 5.21 4.62 13.98
C LEU B 86 4.73 5.32 15.26
N ARG B 87 5.65 6.03 15.91
CA ARG B 87 5.31 6.75 17.14
C ARG B 87 4.50 8.00 16.84
N GLU B 88 4.55 8.46 15.60
CA GLU B 88 3.79 9.65 15.21
C GLU B 88 2.36 9.30 14.76
N GLN B 89 2.05 8.01 14.68
CA GLN B 89 0.72 7.58 14.27
C GLN B 89 -0.29 7.94 15.37
N PRO B 90 -1.53 8.28 14.98
CA PRO B 90 -2.66 8.66 15.85
C PRO B 90 -3.11 7.60 16.84
N ASN B 91 -2.99 6.34 16.46
CA ASN B 91 -3.42 5.25 17.33
C ASN B 91 -2.82 3.91 16.90
N ASP B 92 -3.04 2.87 17.68
CA ASP B 92 -2.50 1.56 17.36
C ASP B 92 -2.99 0.98 16.03
N LEU B 93 -4.24 1.26 15.69
CA LEU B 93 -4.80 0.76 14.43
C LEU B 93 -4.00 1.36 13.27
N ALA B 94 -3.61 2.61 13.41
CA ALA B 94 -2.83 3.27 12.38
C ALA B 94 -1.43 2.66 12.33
N ARG B 95 -0.93 2.19 13.47
CA ARG B 95 0.40 1.59 13.49
C ARG B 95 0.32 0.22 12.85
N TYR B 96 -0.83 -0.44 13.02
CA TYR B 96 -1.05 -1.75 12.44
C TYR B 96 -0.94 -1.67 10.92
N ILE B 97 -1.62 -0.69 10.34
CA ILE B 97 -1.63 -0.49 8.89
C ILE B 97 -0.23 -0.18 8.38
N GLN B 98 0.52 0.60 9.14
CA GLN B 98 1.86 0.94 8.72
C GLN B 98 2.76 -0.29 8.72
N LEU B 99 2.62 -1.09 9.76
CA LEU B 99 3.43 -2.30 9.89
C LEU B 99 3.04 -3.31 8.80
N ASP B 100 1.75 -3.41 8.50
CA ASP B 100 1.30 -4.33 7.47
C ASP B 100 1.89 -3.90 6.13
N GLY B 101 1.94 -2.60 5.89
CA GLY B 101 2.52 -2.11 4.66
C GLY B 101 4.03 -2.37 4.61
N LEU B 102 4.68 -2.27 5.77
CA LEU B 102 6.12 -2.52 5.83
C LEU B 102 6.45 -3.97 5.51
N GLN B 103 5.71 -4.91 6.08
CA GLN B 103 5.97 -6.32 5.78
C GLN B 103 5.81 -6.53 4.25
N ASP B 104 4.89 -5.79 3.64
CA ASP B 104 4.68 -5.91 2.19
C ASP B 104 5.69 -5.14 1.37
N ARG B 105 6.51 -4.34 2.04
CA ARG B 105 7.50 -3.51 1.35
C ARG B 105 8.95 -3.96 1.41
N ASN B 106 9.39 -4.26 2.62
CA ASN B 106 10.77 -4.64 2.88
C ASN B 106 10.75 -5.58 4.08
N GLU B 107 10.72 -6.87 3.79
CA GLU B 107 10.63 -7.90 4.81
C GLU B 107 11.74 -7.92 5.86
N LYS B 108 12.99 -7.77 5.44
CA LYS B 108 14.10 -7.77 6.38
C LYS B 108 13.95 -6.61 7.36
N LEU B 109 13.57 -5.44 6.85
CA LEU B 109 13.37 -4.26 7.67
C LEU B 109 12.22 -4.43 8.64
N PHE B 110 11.14 -5.03 8.14
CA PHE B 110 9.95 -5.30 8.95
C PHE B 110 10.33 -6.08 10.20
N TYR B 111 11.06 -7.19 10.00
CA TYR B 111 11.47 -8.01 11.14
C TYR B 111 12.55 -7.38 11.99
N ARG B 112 13.35 -6.52 11.39
CA ARG B 112 14.40 -5.83 12.12
C ARG B 112 13.72 -4.88 13.10
N VAL B 113 12.68 -4.19 12.62
CA VAL B 113 11.94 -3.24 13.46
C VAL B 113 11.17 -3.96 14.58
N VAL B 114 10.37 -4.96 14.22
CA VAL B 114 9.61 -5.70 15.22
C VAL B 114 10.52 -6.34 16.26
N CYS B 115 11.61 -6.94 15.82
CA CYS B 115 12.56 -7.60 16.73
C CYS B 115 13.27 -6.63 17.67
N ASP B 116 13.48 -5.41 17.21
CA ASP B 116 14.15 -4.38 18.01
C ASP B 116 13.25 -3.74 19.06
N HIS B 117 11.95 -3.79 18.84
CA HIS B 117 10.97 -3.18 19.73
C HIS B 117 9.83 -4.17 19.99
N VAL B 118 10.20 -5.35 20.46
CA VAL B 118 9.26 -6.42 20.72
C VAL B 118 8.11 -6.06 21.66
N LYS B 119 8.45 -5.54 22.84
CA LYS B 119 7.44 -5.18 23.81
C LYS B 119 6.48 -4.12 23.27
N GLU B 120 7.01 -3.23 22.44
CA GLU B 120 6.22 -2.13 21.88
C GLU B 120 5.35 -2.55 20.70
N LEU B 121 5.89 -3.39 19.83
CA LEU B 121 5.19 -3.79 18.62
C LEU B 121 4.46 -5.13 18.60
N MET B 122 4.82 -6.07 19.47
CA MET B 122 4.12 -7.36 19.45
C MET B 122 2.61 -7.14 19.59
N PRO B 123 2.19 -6.20 20.46
CA PRO B 123 0.75 -5.97 20.62
C PRO B 123 0.09 -5.24 19.44
N ILE B 124 0.91 -4.82 18.49
CA ILE B 124 0.40 -4.15 17.30
C ILE B 124 0.33 -5.22 16.20
N VAL B 125 1.39 -6.02 16.07
CA VAL B 125 1.48 -7.09 15.07
C VAL B 125 0.38 -8.14 15.28
N TYR B 126 0.11 -8.47 16.53
CA TYR B 126 -0.91 -9.47 16.83
C TYR B 126 -1.67 -9.03 18.05
N THR B 127 -1.50 -9.82 19.10
CA THR B 127 -2.10 -9.65 20.43
C THR B 127 -3.46 -8.96 20.47
N PRO B 128 -3.54 -7.66 20.85
CA PRO B 128 -4.92 -7.16 20.84
C PRO B 128 -5.30 -6.29 19.65
N THR B 129 -4.31 -5.74 18.97
CA THR B 129 -4.59 -4.86 17.85
C THR B 129 -5.07 -5.56 16.57
N VAL B 130 -4.50 -6.71 16.24
CA VAL B 130 -4.89 -7.40 15.01
C VAL B 130 -6.39 -7.66 14.88
N GLY B 131 -7.01 -8.17 15.95
CA GLY B 131 -8.43 -8.44 15.90
C GLY B 131 -9.28 -7.19 15.66
N LEU B 132 -8.90 -6.09 16.28
CA LEU B 132 -9.65 -4.85 16.12
C LEU B 132 -9.48 -4.29 14.71
N ALA B 133 -8.31 -4.50 14.12
CA ALA B 133 -8.08 -4.02 12.76
C ALA B 133 -8.96 -4.82 11.79
N CYS B 134 -9.08 -6.13 12.03
CA CYS B 134 -9.91 -6.96 11.15
C CYS B 134 -11.36 -6.52 11.21
N GLN B 135 -11.85 -6.29 12.43
CA GLN B 135 -13.22 -5.88 12.64
C GLN B 135 -13.54 -4.50 12.05
N ASN B 136 -12.71 -3.52 12.35
CA ASN B 136 -12.92 -2.15 11.91
C ASN B 136 -12.60 -1.80 10.46
N PHE B 137 -11.57 -2.41 9.89
CA PHE B 137 -11.17 -2.09 8.53
C PHE B 137 -11.79 -2.93 7.42
N GLY B 138 -12.08 -4.19 7.70
CA GLY B 138 -12.66 -5.05 6.68
C GLY B 138 -11.60 -5.49 5.70
N TYR B 139 -11.93 -5.48 4.40
CA TYR B 139 -10.98 -5.89 3.39
C TYR B 139 -9.94 -4.81 3.17
N ILE B 140 -8.82 -4.93 3.86
CA ILE B 140 -7.72 -3.99 3.77
C ILE B 140 -6.92 -4.28 2.52
N TYR B 141 -6.40 -3.23 1.89
CA TYR B 141 -5.60 -3.39 0.68
C TYR B 141 -4.18 -3.82 0.99
N ARG B 142 -3.73 -4.91 0.35
CA ARG B 142 -2.36 -5.38 0.55
C ARG B 142 -1.96 -6.39 -0.49
N LYS B 143 -0.67 -6.69 -0.55
CA LYS B 143 -0.19 -7.67 -1.50
C LYS B 143 -0.78 -9.00 -1.02
N PRO B 144 -0.96 -9.97 -1.92
CA PRO B 144 -1.52 -11.26 -1.48
C PRO B 144 -0.59 -11.85 -0.42
N LYS B 145 -1.10 -12.05 0.79
CA LYS B 145 -0.25 -12.62 1.83
C LYS B 145 -0.91 -13.75 2.59
N GLY B 146 -1.98 -14.30 2.00
CA GLY B 146 -2.69 -15.40 2.63
C GLY B 146 -3.59 -16.06 1.62
N LEU B 147 -4.15 -17.21 1.99
CA LEU B 147 -5.04 -17.93 1.09
C LEU B 147 -6.45 -18.07 1.70
N TYR B 148 -7.46 -17.90 0.85
CA TYR B 148 -8.85 -18.06 1.26
C TYR B 148 -9.32 -19.38 0.63
N ILE B 149 -9.71 -20.33 1.47
CA ILE B 149 -10.21 -21.61 1.00
C ILE B 149 -11.63 -21.73 1.56
N THR B 150 -12.62 -21.91 0.68
CA THR B 150 -14.01 -21.97 1.13
C THR B 150 -14.69 -23.32 1.10
N ILE B 151 -15.92 -23.31 1.60
CA ILE B 151 -16.76 -24.50 1.66
C ILE B 151 -17.12 -24.88 0.22
N ASN B 152 -16.88 -23.98 -0.71
CA ASN B 152 -17.18 -24.23 -2.12
C ASN B 152 -15.98 -24.80 -2.89
N ASP B 153 -14.85 -24.94 -2.22
CA ASP B 153 -13.65 -25.50 -2.86
C ASP B 153 -13.36 -26.80 -2.13
N ASN B 154 -14.43 -27.52 -1.82
CA ASN B 154 -14.37 -28.74 -1.04
C ASN B 154 -13.96 -30.06 -1.69
N SER B 155 -12.68 -30.18 -2.02
CA SER B 155 -12.12 -31.40 -2.55
C SER B 155 -10.61 -31.28 -2.42
N VAL B 156 -9.92 -32.40 -2.38
CA VAL B 156 -8.47 -32.40 -2.27
C VAL B 156 -7.88 -31.64 -3.46
N SER B 157 -8.39 -31.92 -4.65
CA SER B 157 -7.91 -31.26 -5.87
C SER B 157 -8.16 -29.76 -5.91
N LYS B 158 -9.36 -29.34 -5.52
CA LYS B 158 -9.68 -27.92 -5.55
C LYS B 158 -8.80 -27.13 -4.58
N ILE B 159 -8.56 -27.68 -3.40
CA ILE B 159 -7.72 -27.00 -2.42
C ILE B 159 -6.29 -27.04 -2.90
N TYR B 160 -5.91 -28.16 -3.51
CA TYR B 160 -4.56 -28.31 -4.02
C TYR B 160 -4.25 -27.22 -5.04
N GLN B 161 -5.22 -26.91 -5.89
CA GLN B 161 -5.03 -25.88 -6.90
C GLN B 161 -4.91 -24.49 -6.27
N ILE B 162 -5.62 -24.26 -5.17
CA ILE B 162 -5.53 -22.97 -4.51
C ILE B 162 -4.11 -22.85 -3.93
N LEU B 163 -3.63 -23.91 -3.28
CA LEU B 163 -2.29 -23.91 -2.71
C LEU B 163 -1.26 -23.70 -3.83
N SER B 164 -1.52 -24.27 -5.00
CA SER B 164 -0.61 -24.13 -6.13
C SER B 164 -0.52 -22.68 -6.59
N ASN B 165 -1.46 -21.86 -6.16
CA ASN B 165 -1.44 -20.45 -6.56
C ASN B 165 -0.55 -19.64 -5.64
N TRP B 166 -0.06 -20.27 -4.58
CA TRP B 166 0.82 -19.61 -3.65
C TRP B 166 2.21 -19.56 -4.28
N HIS B 167 2.90 -18.44 -4.12
CA HIS B 167 4.23 -18.26 -4.69
C HIS B 167 5.23 -19.32 -4.20
N GLU B 168 5.59 -19.26 -2.92
CA GLU B 168 6.56 -20.20 -2.36
C GLU B 168 6.18 -21.66 -2.47
N GLU B 169 7.13 -22.48 -2.89
CA GLU B 169 6.88 -23.90 -3.00
C GLU B 169 7.31 -24.59 -1.71
N ASP B 170 8.30 -24.03 -1.02
CA ASP B 170 8.80 -24.62 0.22
C ASP B 170 8.08 -24.15 1.48
N VAL B 171 6.78 -24.43 1.55
CA VAL B 171 5.96 -24.07 2.71
C VAL B 171 6.17 -25.15 3.77
N ARG B 172 6.39 -24.76 5.01
CA ARG B 172 6.60 -25.73 6.08
C ARG B 172 5.75 -25.44 7.32
N ALA B 173 5.20 -24.23 7.40
CA ALA B 173 4.37 -23.86 8.53
C ALA B 173 3.13 -23.15 8.05
N ILE B 174 1.99 -23.66 8.50
CA ILE B 174 0.70 -23.11 8.14
C ILE B 174 -0.11 -22.83 9.39
N VAL B 175 -0.72 -21.65 9.45
CA VAL B 175 -1.58 -21.27 10.56
C VAL B 175 -2.93 -21.04 9.91
N VAL B 176 -3.96 -21.74 10.39
CA VAL B 176 -5.29 -21.61 9.81
C VAL B 176 -6.36 -21.31 10.85
N THR B 177 -7.35 -20.53 10.44
CA THR B 177 -8.49 -20.17 11.27
C THR B 177 -9.71 -20.17 10.37
N ASP B 178 -10.90 -20.36 10.95
CA ASP B 178 -12.11 -20.28 10.16
C ASP B 178 -12.75 -18.95 10.60
N GLY B 179 -12.00 -18.24 11.42
CA GLY B 179 -12.41 -16.94 11.92
C GLY B 179 -13.65 -16.86 12.79
N GLU B 180 -14.14 -18.00 13.27
CA GLU B 180 -15.34 -17.96 14.09
C GLU B 180 -15.10 -17.37 15.48
N ARG B 181 -13.93 -17.63 16.07
CA ARG B 181 -13.66 -17.14 17.42
C ARG B 181 -12.39 -16.33 17.57
N ILE B 182 -12.34 -15.16 16.92
CA ILE B 182 -11.17 -14.33 17.05
C ILE B 182 -11.18 -13.78 18.47
N LEU B 183 -10.13 -14.11 19.21
CA LEU B 183 -10.00 -13.74 20.61
C LEU B 183 -10.38 -12.30 20.95
N GLY B 184 -11.38 -12.16 21.82
CA GLY B 184 -11.80 -10.83 22.21
C GLY B 184 -12.82 -10.16 21.30
N LEU B 185 -12.97 -10.65 20.07
CA LEU B 185 -13.93 -10.05 19.15
C LEU B 185 -15.04 -10.98 18.67
N GLY B 186 -14.77 -12.28 18.61
CA GLY B 186 -15.79 -13.20 18.18
C GLY B 186 -15.69 -13.60 16.72
N ASP B 187 -16.85 -13.79 16.09
CA ASP B 187 -16.96 -14.21 14.70
C ASP B 187 -16.79 -13.05 13.72
N LEU B 188 -15.66 -13.01 13.04
CA LEU B 188 -15.37 -11.96 12.08
C LEU B 188 -15.32 -12.48 10.63
N GLY B 189 -15.70 -13.75 10.46
CA GLY B 189 -15.71 -14.36 9.14
C GLY B 189 -14.46 -14.15 8.31
N ALA B 190 -14.66 -13.84 7.03
CA ALA B 190 -13.55 -13.64 6.09
C ALA B 190 -12.58 -12.53 6.49
N TYR B 191 -13.01 -11.64 7.37
CA TYR B 191 -12.15 -10.55 7.83
C TYR B 191 -11.06 -11.08 8.77
N GLY B 192 -11.18 -12.33 9.17
CA GLY B 192 -10.20 -12.89 10.09
C GLY B 192 -8.88 -13.37 9.53
N ILE B 193 -8.61 -13.13 8.25
CA ILE B 193 -7.37 -13.57 7.65
C ILE B 193 -6.14 -12.88 8.27
N GLY B 194 -6.37 -11.74 8.94
CA GLY B 194 -5.26 -11.05 9.56
C GLY B 194 -4.68 -11.80 10.75
N ILE B 195 -5.49 -12.64 11.39
CA ILE B 195 -5.01 -13.41 12.53
C ILE B 195 -3.87 -14.37 12.15
N PRO B 196 -4.09 -15.23 11.14
CA PRO B 196 -3.01 -16.15 10.76
C PRO B 196 -1.77 -15.37 10.29
N VAL B 197 -1.99 -14.25 9.61
CA VAL B 197 -0.87 -13.43 9.14
C VAL B 197 -0.02 -12.92 10.30
N GLY B 198 -0.68 -12.38 11.33
CA GLY B 198 0.05 -11.86 12.47
C GLY B 198 0.72 -12.96 13.26
N LYS B 199 0.06 -14.11 13.35
CA LYS B 199 0.61 -15.23 14.09
C LYS B 199 1.91 -15.69 13.45
N LEU B 200 1.92 -15.77 12.13
CA LEU B 200 3.11 -16.21 11.41
C LEU B 200 4.20 -15.14 11.52
N ALA B 201 3.80 -13.87 11.56
CA ALA B 201 4.77 -12.80 11.72
C ALA B 201 5.56 -13.04 13.01
N LEU B 202 4.88 -13.51 14.05
CA LEU B 202 5.55 -13.78 15.31
C LEU B 202 6.39 -15.06 15.23
N TYR B 203 5.94 -16.02 14.43
CA TYR B 203 6.71 -17.26 14.25
C TYR B 203 8.13 -16.85 13.84
N VAL B 204 8.20 -15.93 12.88
CA VAL B 204 9.47 -15.42 12.34
C VAL B 204 10.24 -14.51 13.31
N ALA B 205 9.57 -13.47 13.78
CA ALA B 205 10.16 -12.49 14.69
C ALA B 205 10.59 -13.03 16.04
N LEU B 206 9.77 -13.87 16.64
CA LEU B 206 10.09 -14.40 17.95
C LEU B 206 10.68 -15.80 17.95
N GLY B 207 10.36 -16.58 16.92
CA GLY B 207 10.87 -17.94 16.85
C GLY B 207 12.05 -18.11 15.93
N GLY B 208 12.20 -17.22 14.96
CA GLY B 208 13.30 -17.34 14.03
C GLY B 208 12.94 -18.25 12.86
N VAL B 209 11.66 -18.53 12.72
CA VAL B 209 11.18 -19.37 11.64
C VAL B 209 11.39 -18.60 10.33
N GLN B 210 11.91 -19.28 9.30
CA GLN B 210 12.15 -18.61 8.03
C GLN B 210 10.82 -18.11 7.49
N PRO B 211 10.80 -16.86 6.98
CA PRO B 211 9.53 -16.33 6.45
C PRO B 211 8.99 -17.05 5.21
N LYS B 212 9.88 -17.55 4.36
CA LYS B 212 9.42 -18.23 3.15
C LYS B 212 8.63 -19.52 3.42
N TRP B 213 8.78 -20.06 4.61
CA TRP B 213 8.08 -21.29 5.00
C TRP B 213 6.65 -21.09 5.47
N CYS B 214 6.29 -19.84 5.74
CA CYS B 214 4.99 -19.49 6.29
C CYS B 214 3.83 -19.23 5.32
N LEU B 215 2.69 -19.84 5.63
CA LEU B 215 1.48 -19.71 4.81
C LEU B 215 0.23 -19.51 5.65
N PRO B 216 -0.32 -18.29 5.64
CA PRO B 216 -1.54 -17.95 6.39
C PRO B 216 -2.77 -18.42 5.61
N VAL B 217 -3.71 -19.06 6.30
CA VAL B 217 -4.92 -19.51 5.62
C VAL B 217 -6.20 -19.22 6.38
N LEU B 218 -7.23 -18.77 5.66
CA LEU B 218 -8.53 -18.56 6.30
C LEU B 218 -9.56 -19.43 5.58
N LEU B 219 -10.22 -20.31 6.32
CA LEU B 219 -11.27 -21.17 5.76
C LEU B 219 -12.61 -20.44 5.88
N ASP B 220 -13.26 -20.14 4.77
CA ASP B 220 -14.54 -19.45 4.81
C ASP B 220 -15.70 -20.39 4.54
N VAL B 221 -16.48 -20.68 5.58
CA VAL B 221 -17.63 -21.56 5.44
C VAL B 221 -18.91 -20.76 5.72
N GLY B 222 -18.76 -19.43 5.79
CA GLY B 222 -19.87 -18.55 6.08
C GLY B 222 -19.65 -17.84 7.41
N THR B 223 -20.62 -17.06 7.87
CA THR B 223 -20.46 -16.36 9.15
C THR B 223 -21.82 -16.16 9.84
N ASN B 224 -21.82 -16.26 11.17
CA ASN B 224 -23.04 -16.06 11.93
C ASN B 224 -23.13 -14.63 12.43
N ASN B 225 -22.10 -13.84 12.14
CA ASN B 225 -22.11 -12.43 12.54
C ASN B 225 -23.16 -11.80 11.66
N MET B 226 -24.32 -11.48 12.24
CA MET B 226 -25.40 -10.88 11.47
C MET B 226 -25.07 -9.52 10.89
N ASP B 227 -24.26 -8.74 11.60
CA ASP B 227 -23.88 -7.43 11.09
C ASP B 227 -23.11 -7.57 9.78
N LEU B 228 -22.19 -8.53 9.73
CA LEU B 228 -21.43 -8.73 8.51
C LEU B 228 -22.34 -9.22 7.40
N LEU B 229 -23.21 -10.18 7.71
CA LEU B 229 -24.13 -10.72 6.72
C LEU B 229 -25.02 -9.61 6.15
N ASN B 230 -25.32 -8.61 6.96
CA ASN B 230 -26.14 -7.49 6.54
C ASN B 230 -25.32 -6.34 5.98
N ASP B 231 -24.01 -6.39 6.16
CA ASP B 231 -23.11 -5.33 5.70
C ASP B 231 -22.76 -5.48 4.21
N PRO B 232 -23.30 -4.58 3.37
CA PRO B 232 -23.04 -4.63 1.92
C PRO B 232 -21.56 -4.59 1.54
N PHE B 233 -20.70 -4.27 2.50
CA PHE B 233 -19.26 -4.20 2.26
C PHE B 233 -18.50 -5.47 2.64
N TYR B 234 -19.19 -6.40 3.30
CA TYR B 234 -18.60 -7.66 3.71
C TYR B 234 -18.15 -8.43 2.46
N ILE B 235 -17.03 -9.13 2.54
CA ILE B 235 -16.53 -9.84 1.36
C ILE B 235 -16.29 -11.35 1.50
N GLY B 236 -16.94 -11.96 2.49
CA GLY B 236 -16.81 -13.39 2.68
C GLY B 236 -18.11 -13.99 2.20
N LEU B 237 -18.26 -15.31 2.24
CA LEU B 237 -19.50 -15.92 1.80
C LEU B 237 -20.65 -15.33 2.62
N ARG B 238 -21.67 -14.82 1.92
CA ARG B 238 -22.79 -14.20 2.61
C ARG B 238 -23.89 -15.16 3.02
N HIS B 239 -23.59 -16.01 4.00
CA HIS B 239 -24.55 -16.95 4.53
C HIS B 239 -24.01 -17.50 5.84
N LYS B 240 -24.92 -18.01 6.68
CA LYS B 240 -24.53 -18.57 7.98
C LYS B 240 -23.49 -19.68 7.83
N ARG B 241 -22.79 -19.98 8.91
CA ARG B 241 -21.77 -21.01 8.90
C ARG B 241 -22.31 -22.41 8.65
N VAL B 242 -21.55 -23.19 7.89
CA VAL B 242 -21.88 -24.57 7.56
C VAL B 242 -21.21 -25.44 8.62
N ARG B 243 -21.93 -26.39 9.21
CA ARG B 243 -21.34 -27.22 10.24
C ARG B 243 -21.51 -28.74 10.11
N GLY B 244 -22.38 -29.17 9.20
CA GLY B 244 -22.60 -30.60 9.06
C GLY B 244 -21.39 -31.44 8.72
N LYS B 245 -21.64 -32.49 7.94
CA LYS B 245 -20.58 -33.38 7.50
C LYS B 245 -19.68 -32.61 6.53
N ASP B 246 -20.27 -31.66 5.81
CA ASP B 246 -19.55 -30.85 4.84
C ASP B 246 -18.39 -30.07 5.44
N TYR B 247 -18.57 -29.57 6.67
CA TYR B 247 -17.51 -28.83 7.35
C TYR B 247 -16.39 -29.82 7.65
N ASP B 248 -16.75 -30.91 8.33
CA ASP B 248 -15.77 -31.92 8.68
C ASP B 248 -15.01 -32.42 7.46
N THR B 249 -15.71 -32.55 6.33
CA THR B 249 -15.07 -33.02 5.10
C THR B 249 -14.12 -31.95 4.55
N LEU B 250 -14.51 -30.69 4.63
CA LEU B 250 -13.67 -29.59 4.16
C LEU B 250 -12.38 -29.59 4.97
N LEU B 251 -12.49 -29.81 6.27
CA LEU B 251 -11.30 -29.84 7.12
C LEU B 251 -10.43 -31.06 6.81
N ASP B 252 -11.06 -32.20 6.52
CA ASP B 252 -10.29 -33.41 6.20
C ASP B 252 -9.54 -33.21 4.88
N ASN B 253 -10.24 -32.67 3.89
CA ASN B 253 -9.66 -32.39 2.57
C ASN B 253 -8.54 -31.35 2.66
N PHE B 254 -8.70 -30.40 3.57
CA PHE B 254 -7.69 -29.37 3.78
C PHE B 254 -6.41 -30.00 4.29
N MET B 255 -6.53 -30.83 5.32
CA MET B 255 -5.35 -31.47 5.87
C MET B 255 -4.71 -32.37 4.83
N LYS B 256 -5.53 -33.07 4.04
CA LYS B 256 -5.03 -33.97 3.00
C LYS B 256 -4.27 -33.20 1.93
N ALA B 257 -4.90 -32.15 1.41
CA ALA B 257 -4.33 -31.33 0.36
C ALA B 257 -3.04 -30.67 0.79
N CYS B 258 -2.99 -30.13 2.01
CA CYS B 258 -1.77 -29.47 2.45
C CYS B 258 -0.59 -30.44 2.52
N THR B 259 -0.80 -31.61 3.11
CA THR B 259 0.29 -32.56 3.22
C THR B 259 0.67 -33.16 1.88
N LYS B 260 -0.29 -33.28 0.99
CA LYS B 260 -0.01 -33.81 -0.32
C LYS B 260 0.81 -32.77 -1.08
N LYS B 261 0.48 -31.49 -0.89
CA LYS B 261 1.20 -30.42 -1.58
C LYS B 261 2.61 -30.16 -1.03
N TYR B 262 2.73 -29.99 0.28
CA TYR B 262 4.02 -29.69 0.90
C TYR B 262 4.68 -30.82 1.68
N GLY B 263 3.97 -31.92 1.87
CA GLY B 263 4.53 -33.04 2.60
C GLY B 263 3.90 -33.29 3.96
N GLN B 264 4.03 -34.50 4.46
CA GLN B 264 3.48 -34.88 5.76
C GLN B 264 4.18 -34.10 6.88
N LYS B 265 5.37 -33.58 6.61
CA LYS B 265 6.14 -32.84 7.62
C LYS B 265 5.57 -31.46 7.91
N THR B 266 4.67 -30.98 7.05
CA THR B 266 4.08 -29.65 7.19
C THR B 266 3.39 -29.38 8.53
N LEU B 267 3.84 -28.36 9.25
CA LEU B 267 3.22 -28.00 10.53
C LEU B 267 1.96 -27.21 10.22
N ILE B 268 0.85 -27.63 10.78
CA ILE B 268 -0.42 -26.95 10.56
C ILE B 268 -0.96 -26.63 11.95
N GLN B 269 -0.97 -25.35 12.29
CA GLN B 269 -1.44 -24.89 13.59
C GLN B 269 -2.80 -24.22 13.48
N PHE B 270 -3.73 -24.62 14.35
CA PHE B 270 -5.09 -24.07 14.33
C PHE B 270 -5.17 -22.90 15.30
N GLU B 271 -5.88 -21.85 14.88
CA GLU B 271 -6.01 -20.65 15.70
C GLU B 271 -7.40 -20.04 15.59
N ASP B 272 -7.90 -19.54 16.73
CA ASP B 272 -9.20 -18.90 16.82
C ASP B 272 -10.42 -19.62 16.23
N PHE B 273 -10.52 -20.91 16.50
CA PHE B 273 -11.67 -21.70 16.08
C PHE B 273 -12.62 -21.68 17.27
N ALA B 274 -13.92 -21.82 17.03
CA ALA B 274 -14.86 -21.86 18.15
C ALA B 274 -14.31 -22.98 19.06
N ASN B 275 -14.46 -22.84 20.36
CA ASN B 275 -13.95 -23.84 21.28
C ASN B 275 -14.32 -25.30 21.00
N PRO B 276 -15.58 -25.59 20.62
CA PRO B 276 -15.92 -26.98 20.35
C PRO B 276 -15.13 -27.57 19.15
N ASN B 277 -15.07 -26.82 18.06
CA ASN B 277 -14.33 -27.28 16.88
C ASN B 277 -12.82 -27.33 17.18
N ALA B 278 -12.35 -26.36 17.96
CA ALA B 278 -10.94 -26.31 18.31
C ALA B 278 -10.49 -27.60 18.96
N PHE B 279 -11.24 -28.03 19.97
CA PHE B 279 -10.90 -29.24 20.70
C PHE B 279 -11.12 -30.51 19.89
N ARG B 280 -12.25 -30.58 19.19
CA ARG B 280 -12.57 -31.75 18.37
C ARG B 280 -11.51 -31.97 17.29
N LEU B 281 -11.19 -30.90 16.56
CA LEU B 281 -10.21 -31.00 15.47
C LEU B 281 -8.84 -31.37 16.00
N LEU B 282 -8.48 -30.84 17.16
CA LEU B 282 -7.19 -31.15 17.78
C LEU B 282 -7.12 -32.64 18.13
N ASP B 283 -8.18 -33.15 18.74
CA ASP B 283 -8.23 -34.55 19.16
C ASP B 283 -8.16 -35.49 17.95
N LYS B 284 -8.82 -35.08 16.88
CA LYS B 284 -8.88 -35.81 15.63
C LYS B 284 -7.57 -35.78 14.80
N TYR B 285 -6.90 -34.64 14.73
CA TYR B 285 -5.69 -34.51 13.91
C TYR B 285 -4.34 -34.63 14.60
N GLN B 286 -4.34 -34.39 15.90
CA GLN B 286 -3.14 -34.44 16.74
C GLN B 286 -2.14 -35.56 16.43
N ASP B 287 -2.64 -36.78 16.33
CA ASP B 287 -1.78 -37.95 16.09
C ASP B 287 -1.78 -38.44 14.65
N LYS B 288 -2.38 -37.66 13.75
CA LYS B 288 -2.44 -38.04 12.34
C LYS B 288 -1.62 -37.05 11.50
N TYR B 289 -1.38 -35.87 12.04
CA TYR B 289 -0.62 -34.85 11.34
C TYR B 289 0.30 -34.12 12.30
N THR B 290 1.22 -33.32 11.77
CA THR B 290 2.12 -32.51 12.59
C THR B 290 1.22 -31.29 12.84
N MET B 291 0.43 -31.37 13.89
CA MET B 291 -0.53 -30.33 14.13
C MET B 291 -0.72 -29.98 15.59
N PHE B 292 -1.20 -28.77 15.84
CA PHE B 292 -1.49 -28.35 17.21
C PHE B 292 -2.33 -27.09 17.19
N ASN B 293 -2.86 -26.74 18.36
CA ASN B 293 -3.72 -25.56 18.49
C ASN B 293 -3.16 -24.71 19.63
N ASP B 294 -2.72 -23.50 19.31
CA ASP B 294 -2.12 -22.65 20.34
C ASP B 294 -3.09 -22.23 21.45
N ASP B 295 -4.31 -21.87 21.09
CA ASP B 295 -5.30 -21.44 22.09
C ASP B 295 -5.49 -22.50 23.16
N ILE B 296 -5.42 -23.77 22.76
CA ILE B 296 -5.59 -24.84 23.72
C ILE B 296 -4.27 -25.22 24.39
N GLN B 297 -3.33 -25.71 23.59
CA GLN B 297 -2.04 -26.17 24.09
C GLN B 297 -1.04 -25.09 24.46
N GLY B 298 -0.97 -24.03 23.67
CA GLY B 298 -0.03 -22.97 23.96
C GLY B 298 -0.40 -22.29 25.27
N THR B 299 -1.69 -22.09 25.47
CA THR B 299 -2.17 -21.45 26.68
C THR B 299 -1.86 -22.30 27.90
N ALA B 300 -2.25 -23.56 27.85
CA ALA B 300 -2.03 -24.48 28.96
C ALA B 300 -0.55 -24.59 29.30
N SER B 301 0.28 -24.61 28.26
CA SER B 301 1.73 -24.73 28.40
C SER B 301 2.40 -23.50 29.00
N VAL B 302 2.04 -22.33 28.50
CA VAL B 302 2.62 -21.08 28.99
C VAL B 302 2.17 -20.78 30.41
N ILE B 303 1.04 -21.34 30.81
CA ILE B 303 0.56 -21.12 32.18
C ILE B 303 1.29 -22.10 33.10
N VAL B 304 1.42 -23.35 32.68
CA VAL B 304 2.14 -24.33 33.49
C VAL B 304 3.57 -23.81 33.69
N ALA B 305 4.09 -23.10 32.69
CA ALA B 305 5.42 -22.54 32.78
C ALA B 305 5.46 -21.52 33.89
N GLY B 306 4.37 -20.78 34.07
CA GLY B 306 4.33 -19.78 35.11
C GLY B 306 4.27 -20.43 36.48
N LEU B 307 3.49 -21.51 36.56
CA LEU B 307 3.33 -22.24 37.81
C LEU B 307 4.63 -22.96 38.16
N LEU B 308 5.40 -23.34 37.15
CA LEU B 308 6.68 -24.02 37.38
C LEU B 308 7.64 -23.03 38.01
N THR B 309 7.71 -21.84 37.43
CA THR B 309 8.59 -20.80 37.96
C THR B 309 8.16 -20.50 39.40
N CYS B 310 6.86 -20.62 39.68
CA CYS B 310 6.34 -20.37 41.03
C CYS B 310 6.81 -21.40 42.05
N THR B 311 6.96 -22.66 41.64
CA THR B 311 7.41 -23.70 42.57
C THR B 311 8.78 -23.33 43.12
N ARG B 312 9.51 -22.49 42.38
CA ARG B 312 10.83 -22.06 42.82
C ARG B 312 10.74 -21.16 44.04
N VAL B 313 9.57 -20.56 44.27
CA VAL B 313 9.37 -19.67 45.40
C VAL B 313 8.53 -20.30 46.52
N THR B 314 7.71 -21.29 46.16
CA THR B 314 6.86 -21.95 47.14
C THR B 314 7.41 -23.29 47.60
N LYS B 315 8.57 -23.66 47.07
CA LYS B 315 9.18 -24.94 47.42
C LYS B 315 8.12 -26.04 47.40
N LYS B 316 7.26 -25.99 46.40
CA LYS B 316 6.21 -26.98 46.23
C LYS B 316 6.03 -27.34 44.76
N LEU B 317 6.56 -28.50 44.37
CA LEU B 317 6.44 -28.97 43.01
C LEU B 317 4.97 -29.05 42.66
N VAL B 318 4.65 -28.93 41.37
CA VAL B 318 3.27 -28.99 40.92
C VAL B 318 2.53 -30.18 41.52
N SER B 319 3.21 -31.32 41.58
CA SER B 319 2.62 -32.52 42.14
C SER B 319 2.36 -32.41 43.64
N GLN B 320 3.01 -31.43 44.29
CA GLN B 320 2.84 -31.22 45.72
C GLN B 320 1.95 -30.01 45.98
N GLU B 321 1.26 -29.54 44.94
CA GLU B 321 0.42 -28.37 45.06
C GLU B 321 -1.08 -28.63 44.89
N LYS B 322 -1.89 -27.64 45.26
CA LYS B 322 -3.34 -27.73 45.12
C LYS B 322 -3.78 -26.52 44.31
N TYR B 323 -4.55 -26.74 43.26
CA TYR B 323 -4.99 -25.63 42.42
C TYR B 323 -6.50 -25.46 42.30
N LEU B 324 -6.95 -24.22 42.41
CA LEU B 324 -8.38 -23.91 42.29
C LEU B 324 -8.58 -23.00 41.08
N PHE B 325 -9.35 -23.48 40.11
CA PHE B 325 -9.63 -22.70 38.91
C PHE B 325 -11.00 -22.04 39.00
N PHE B 326 -11.04 -20.72 38.89
CA PHE B 326 -12.31 -20.02 38.89
C PHE B 326 -12.68 -19.88 37.43
N GLY B 327 -13.63 -20.70 36.99
CA GLY B 327 -14.04 -20.72 35.60
C GLY B 327 -13.50 -22.05 35.14
N ALA B 328 -14.28 -22.81 34.38
CA ALA B 328 -13.82 -24.12 33.92
C ALA B 328 -14.09 -24.33 32.44
N GLY B 329 -13.96 -23.25 31.66
CA GLY B 329 -14.19 -23.34 30.22
C GLY B 329 -13.01 -23.96 29.51
N ALA B 330 -12.81 -23.59 28.25
CA ALA B 330 -11.72 -24.15 27.44
C ALA B 330 -10.36 -23.90 28.08
N ALA B 331 -10.08 -22.63 28.39
CA ALA B 331 -8.82 -22.25 29.00
C ALA B 331 -8.50 -22.98 30.32
N SER B 332 -9.39 -22.84 31.31
CA SER B 332 -9.16 -23.49 32.61
C SER B 332 -8.98 -25.00 32.51
N THR B 333 -9.87 -25.63 31.77
CA THR B 333 -9.86 -27.08 31.60
C THR B 333 -8.59 -27.53 30.89
N GLY B 334 -8.14 -26.79 29.88
CA GLY B 334 -6.94 -27.16 29.16
C GLY B 334 -5.70 -27.08 30.05
N ILE B 335 -5.66 -26.04 30.87
CA ILE B 335 -4.54 -25.84 31.79
C ILE B 335 -4.52 -26.95 32.83
N ALA B 336 -5.68 -27.31 33.33
CA ALA B 336 -5.80 -28.35 34.33
C ALA B 336 -5.25 -29.67 33.77
N GLU B 337 -5.71 -30.03 32.58
CA GLU B 337 -5.29 -31.26 31.93
C GLU B 337 -3.78 -31.28 31.77
N MET B 338 -3.19 -30.12 31.47
CA MET B 338 -1.74 -30.03 31.31
C MET B 338 -1.07 -30.17 32.67
N ILE B 339 -1.62 -29.49 33.69
CA ILE B 339 -1.05 -29.58 35.03
C ILE B 339 -1.06 -31.05 35.48
N VAL B 340 -2.18 -31.72 35.28
CA VAL B 340 -2.32 -33.13 35.66
C VAL B 340 -1.23 -33.93 34.97
N HIS B 341 -1.11 -33.76 33.66
CA HIS B 341 -0.11 -34.46 32.88
C HIS B 341 1.27 -34.19 33.47
N GLN B 342 1.52 -32.95 33.87
CA GLN B 342 2.80 -32.59 34.47
C GLN B 342 2.98 -33.32 35.79
N MET B 343 1.88 -33.49 36.53
CA MET B 343 1.93 -34.17 37.81
C MET B 343 2.27 -35.66 37.62
N GLN B 344 1.60 -36.29 36.67
CA GLN B 344 1.86 -37.70 36.40
C GLN B 344 3.34 -37.93 36.09
N ASN B 345 3.94 -36.99 35.37
CA ASN B 345 5.36 -37.10 35.01
C ASN B 345 6.27 -36.89 36.22
N GLU B 346 5.72 -36.38 37.31
CA GLU B 346 6.55 -36.17 38.50
C GLU B 346 6.43 -37.32 39.49
N GLY B 347 5.83 -38.42 39.05
CA GLY B 347 5.70 -39.58 39.91
C GLY B 347 4.29 -39.89 40.40
N ILE B 348 3.52 -38.86 40.70
CA ILE B 348 2.17 -39.04 41.19
C ILE B 348 1.28 -39.76 40.18
N SER B 349 0.11 -40.21 40.63
CA SER B 349 -0.84 -40.92 39.79
C SER B 349 -1.90 -39.95 39.33
N LYS B 350 -2.65 -40.33 38.30
CA LYS B 350 -3.71 -39.47 37.80
C LYS B 350 -4.78 -39.35 38.88
N GLU B 351 -4.60 -40.13 39.96
CA GLU B 351 -5.52 -40.13 41.09
C GLU B 351 -5.34 -38.85 41.88
N GLU B 352 -4.15 -38.69 42.46
CA GLU B 352 -3.84 -37.51 43.26
C GLU B 352 -3.95 -36.25 42.41
N ALA B 353 -3.31 -36.29 41.25
CA ALA B 353 -3.32 -35.15 40.32
C ALA B 353 -4.70 -34.52 40.20
N CYS B 354 -5.67 -35.28 39.70
CA CYS B 354 -7.02 -34.77 39.54
C CYS B 354 -7.64 -34.38 40.88
N ASN B 355 -7.17 -35.01 41.96
CA ASN B 355 -7.68 -34.73 43.29
C ASN B 355 -7.05 -33.45 43.82
N ARG B 356 -6.02 -32.97 43.15
CA ARG B 356 -5.33 -31.75 43.56
C ARG B 356 -5.84 -30.52 42.80
N ILE B 357 -6.86 -30.72 41.98
CA ILE B 357 -7.42 -29.63 41.18
C ILE B 357 -8.93 -29.46 41.38
N TYR B 358 -9.34 -28.24 41.70
CA TYR B 358 -10.74 -27.93 41.93
C TYR B 358 -11.27 -26.92 40.91
N LEU B 359 -12.38 -27.26 40.26
CA LEU B 359 -12.96 -26.38 39.25
C LEU B 359 -14.27 -25.71 39.67
N MET B 360 -14.55 -24.58 39.06
CA MET B 360 -15.77 -23.82 39.33
C MET B 360 -16.21 -23.09 38.06
N ASP B 361 -17.51 -22.86 37.91
CA ASP B 361 -18.05 -22.15 36.77
C ASP B 361 -19.26 -21.33 37.20
N ILE B 362 -20.07 -20.89 36.24
CA ILE B 362 -21.27 -20.10 36.55
C ILE B 362 -22.10 -20.72 37.65
N ASP B 363 -22.21 -22.05 37.63
CA ASP B 363 -22.99 -22.78 38.60
C ASP B 363 -22.15 -23.25 39.79
N GLY B 364 -21.14 -22.46 40.15
CA GLY B 364 -20.29 -22.80 41.27
C GLY B 364 -19.40 -24.03 41.11
N LEU B 365 -18.83 -24.48 42.20
CA LEU B 365 -17.96 -25.66 42.19
C LEU B 365 -18.57 -26.80 41.39
N VAL B 366 -17.70 -27.55 40.71
CA VAL B 366 -18.12 -28.69 39.91
C VAL B 366 -17.99 -29.93 40.79
N THR B 367 -19.09 -30.29 41.44
CA THR B 367 -19.14 -31.42 42.36
C THR B 367 -19.67 -32.71 41.73
N LYS B 368 -19.35 -33.84 42.35
CA LYS B 368 -19.79 -35.14 41.86
C LYS B 368 -21.30 -35.16 41.69
N ASN B 369 -21.98 -34.24 42.37
CA ASN B 369 -23.43 -34.14 42.30
C ASN B 369 -23.83 -33.09 41.26
N ARG B 370 -23.41 -33.33 40.02
CA ARG B 370 -23.71 -32.42 38.92
C ARG B 370 -24.75 -33.02 37.98
N LYS B 371 -25.67 -32.17 37.53
CA LYS B 371 -26.71 -32.61 36.62
C LYS B 371 -26.32 -32.19 35.20
N GLU B 372 -25.75 -33.13 34.45
CA GLU B 372 -25.35 -32.90 33.05
C GLU B 372 -24.02 -32.15 32.88
N MET B 373 -23.03 -32.46 33.71
CA MET B 373 -21.73 -31.79 33.63
C MET B 373 -20.94 -32.22 32.39
N ASN B 374 -19.96 -31.39 32.02
CA ASN B 374 -19.11 -31.66 30.87
C ASN B 374 -18.23 -32.88 31.10
N PRO B 375 -18.11 -33.75 30.08
CA PRO B 375 -17.30 -34.97 30.14
C PRO B 375 -15.88 -34.77 30.65
N ARG B 376 -15.23 -33.70 30.21
CA ARG B 376 -13.86 -33.40 30.60
C ARG B 376 -13.69 -33.01 32.06
N HIS B 377 -14.81 -32.66 32.69
CA HIS B 377 -14.79 -32.27 34.10
C HIS B 377 -14.97 -33.47 35.02
N VAL B 378 -15.72 -34.46 34.56
CA VAL B 378 -15.99 -35.67 35.32
C VAL B 378 -14.86 -36.09 36.26
N GLN B 379 -13.64 -36.18 35.73
CA GLN B 379 -12.49 -36.60 36.53
C GLN B 379 -12.00 -35.56 37.53
N PHE B 380 -12.55 -34.35 37.47
CA PHE B 380 -12.14 -33.29 38.39
C PHE B 380 -13.25 -33.00 39.39
N ALA B 381 -14.48 -33.32 39.01
CA ALA B 381 -15.64 -33.10 39.86
C ALA B 381 -15.39 -33.62 41.27
N LYS B 382 -15.38 -32.71 42.24
CA LYS B 382 -15.15 -33.06 43.63
C LYS B 382 -16.42 -33.50 44.36
N ASP B 383 -16.28 -34.48 45.24
CA ASP B 383 -17.38 -34.96 46.01
C ASP B 383 -17.52 -34.21 47.32
N MET B 384 -18.04 -32.99 47.23
CA MET B 384 -18.19 -32.15 48.41
C MET B 384 -19.40 -31.24 48.22
N PRO B 385 -19.81 -30.51 49.27
CA PRO B 385 -20.97 -29.61 49.20
C PRO B 385 -20.95 -28.56 48.10
N GLU B 386 -22.09 -28.37 47.44
CA GLU B 386 -22.22 -27.38 46.38
C GLU B 386 -22.22 -25.97 46.97
N THR B 387 -21.33 -25.13 46.45
CA THR B 387 -21.21 -23.75 46.91
C THR B 387 -21.23 -22.80 45.71
N THR B 388 -20.84 -21.55 45.94
CA THR B 388 -20.80 -20.53 44.89
C THR B 388 -19.75 -19.52 45.32
N SER B 389 -19.39 -19.59 46.60
CA SER B 389 -18.40 -18.69 47.16
C SER B 389 -17.01 -19.28 47.01
N ILE B 390 -16.10 -18.49 46.47
CA ILE B 390 -14.72 -18.93 46.29
C ILE B 390 -14.15 -19.18 47.68
N LEU B 391 -14.41 -18.24 48.59
CA LEU B 391 -13.93 -18.34 49.97
C LEU B 391 -14.22 -19.69 50.58
N GLU B 392 -15.47 -20.15 50.45
CA GLU B 392 -15.85 -21.44 51.00
C GLU B 392 -15.01 -22.56 50.40
N VAL B 393 -14.72 -22.45 49.11
CA VAL B 393 -13.92 -23.45 48.43
C VAL B 393 -12.49 -23.36 48.96
N ILE B 394 -11.97 -22.13 49.03
CA ILE B 394 -10.62 -21.91 49.51
C ILE B 394 -10.39 -22.51 50.89
N ARG B 395 -11.24 -22.13 51.84
CA ARG B 395 -11.14 -22.63 53.21
C ARG B 395 -11.28 -24.15 53.25
N ALA B 396 -12.07 -24.69 52.34
CA ALA B 396 -12.30 -26.14 52.28
C ALA B 396 -11.15 -26.95 51.68
N ALA B 397 -10.70 -26.56 50.49
CA ALA B 397 -9.62 -27.27 49.81
C ALA B 397 -8.23 -26.72 50.13
N ARG B 398 -8.19 -25.51 50.67
CA ARG B 398 -6.93 -24.84 51.01
C ARG B 398 -5.96 -24.88 49.84
N PRO B 399 -6.35 -24.29 48.71
CA PRO B 399 -5.50 -24.26 47.51
C PRO B 399 -4.27 -23.37 47.66
N GLY B 400 -3.17 -23.82 47.07
CA GLY B 400 -1.93 -23.05 47.12
C GLY B 400 -1.94 -22.05 45.99
N ALA B 401 -2.77 -22.29 44.98
CA ALA B 401 -2.87 -21.40 43.84
C ALA B 401 -4.31 -21.16 43.38
N LEU B 402 -4.60 -19.93 43.00
CA LEU B 402 -5.92 -19.53 42.53
C LEU B 402 -5.80 -19.03 41.08
N ILE B 403 -6.40 -19.75 40.15
CA ILE B 403 -6.33 -19.39 38.73
C ILE B 403 -7.68 -18.99 38.16
N GLY B 404 -7.75 -17.78 37.60
CA GLY B 404 -9.00 -17.31 37.05
C GLY B 404 -9.04 -17.21 35.53
N ALA B 405 -9.96 -17.96 34.93
CA ALA B 405 -10.17 -17.93 33.48
C ALA B 405 -11.67 -17.83 33.33
N SER B 406 -12.22 -16.75 33.88
CA SER B 406 -13.63 -16.50 33.83
C SER B 406 -13.81 -15.02 33.57
N THR B 407 -14.49 -14.72 32.46
CA THR B 407 -14.78 -13.37 32.02
C THR B 407 -15.41 -12.45 33.08
N VAL B 408 -15.15 -12.73 34.35
CA VAL B 408 -15.73 -11.91 35.42
C VAL B 408 -14.73 -11.00 36.12
N ARG B 409 -14.88 -9.70 35.89
CA ARG B 409 -14.01 -8.71 36.49
C ARG B 409 -14.10 -8.69 38.02
N GLY B 410 -12.97 -8.41 38.68
CA GLY B 410 -12.92 -8.32 40.13
C GLY B 410 -13.41 -9.54 40.90
N ALA B 411 -13.50 -10.69 40.25
CA ALA B 411 -13.96 -11.90 40.92
C ALA B 411 -13.16 -12.16 42.18
N PHE B 412 -11.88 -11.77 42.16
CA PHE B 412 -11.00 -11.96 43.30
C PHE B 412 -10.95 -10.67 44.10
N ASN B 413 -11.88 -10.54 45.05
CA ASN B 413 -11.95 -9.36 45.89
C ASN B 413 -10.98 -9.48 47.06
N GLU B 414 -10.81 -8.40 47.82
CA GLU B 414 -9.89 -8.41 48.96
C GLU B 414 -10.09 -9.65 49.81
N GLU B 415 -11.33 -9.94 50.19
CA GLU B 415 -11.63 -11.11 51.00
C GLU B 415 -11.00 -12.38 50.42
N VAL B 416 -11.23 -12.60 49.12
CA VAL B 416 -10.70 -13.78 48.46
C VAL B 416 -9.17 -13.80 48.47
N ILE B 417 -8.57 -12.66 48.14
CA ILE B 417 -7.12 -12.56 48.10
C ILE B 417 -6.55 -12.73 49.50
N ARG B 418 -7.12 -11.98 50.46
CA ARG B 418 -6.68 -12.06 51.86
C ARG B 418 -6.68 -13.51 52.32
N ALA B 419 -7.75 -14.23 52.00
CA ALA B 419 -7.89 -15.63 52.38
C ALA B 419 -6.78 -16.50 51.82
N MET B 420 -6.29 -16.14 50.64
CA MET B 420 -5.21 -16.89 50.00
C MET B 420 -3.88 -16.56 50.69
N ALA B 421 -3.70 -15.28 50.99
CA ALA B 421 -2.48 -14.80 51.65
C ALA B 421 -2.46 -15.28 53.10
N GLU B 422 -3.56 -15.88 53.54
CA GLU B 422 -3.65 -16.40 54.90
C GLU B 422 -3.22 -17.86 54.91
N ILE B 423 -3.78 -18.64 54.01
CA ILE B 423 -3.47 -20.06 53.92
C ILE B 423 -2.07 -20.31 53.38
N ASN B 424 -1.57 -19.40 52.54
CA ASN B 424 -0.25 -19.58 51.95
C ASN B 424 0.70 -18.40 52.17
N GLU B 425 1.99 -18.72 52.34
CA GLU B 425 3.00 -17.68 52.55
C GLU B 425 3.13 -16.84 51.31
N ARG B 426 3.23 -17.51 50.16
CA ARG B 426 3.34 -16.86 48.86
C ARG B 426 2.26 -17.45 47.97
N PRO B 427 1.00 -17.01 48.17
CA PRO B 427 -0.12 -17.51 47.37
C PRO B 427 0.02 -17.18 45.90
N ILE B 428 -0.35 -18.16 45.07
CA ILE B 428 -0.28 -18.01 43.61
C ILE B 428 -1.62 -17.47 43.11
N ILE B 429 -1.60 -16.27 42.54
CA ILE B 429 -2.83 -15.67 42.03
C ILE B 429 -2.69 -15.28 40.57
N PHE B 430 -3.43 -15.97 39.71
CA PHE B 430 -3.43 -15.72 38.27
C PHE B 430 -4.79 -15.25 37.78
N ALA B 431 -4.84 -14.04 37.22
CA ALA B 431 -6.07 -13.48 36.67
C ALA B 431 -5.89 -13.49 35.15
N LEU B 432 -6.32 -14.58 34.52
CA LEU B 432 -6.16 -14.75 33.07
C LEU B 432 -7.22 -14.17 32.14
N SER B 433 -8.33 -13.67 32.67
CA SER B 433 -9.36 -13.12 31.79
C SER B 433 -8.87 -11.88 31.07
N ASN B 434 -9.20 -11.79 29.78
CA ASN B 434 -8.79 -10.65 28.94
C ASN B 434 -10.00 -9.87 28.46
N PRO B 435 -9.83 -8.55 28.26
CA PRO B 435 -8.62 -7.77 28.48
C PRO B 435 -8.48 -7.46 29.97
N THR B 436 -7.63 -6.50 30.31
CA THR B 436 -7.44 -6.14 31.72
C THR B 436 -8.75 -5.74 32.39
N SER B 437 -9.66 -5.16 31.62
CA SER B 437 -10.94 -4.71 32.17
C SER B 437 -11.83 -5.87 32.57
N LYS B 438 -11.33 -7.10 32.40
CA LYS B 438 -12.10 -8.28 32.77
C LYS B 438 -11.29 -9.22 33.64
N ALA B 439 -10.09 -8.78 34.03
CA ALA B 439 -9.21 -9.58 34.87
C ALA B 439 -9.90 -9.85 36.20
N GLU B 440 -9.74 -11.08 36.71
CA GLU B 440 -10.34 -11.45 37.99
C GLU B 440 -9.94 -10.45 39.07
N CYS B 441 -8.76 -9.86 38.92
CA CYS B 441 -8.24 -8.84 39.84
C CYS B 441 -6.96 -8.27 39.26
N THR B 442 -6.67 -7.02 39.59
CA THR B 442 -5.47 -6.38 39.08
C THR B 442 -4.26 -6.77 39.91
N ALA B 443 -3.08 -6.38 39.43
CA ALA B 443 -1.85 -6.68 40.15
C ALA B 443 -1.86 -5.90 41.45
N GLU B 444 -2.11 -4.59 41.35
CA GLU B 444 -2.16 -3.72 42.51
C GLU B 444 -2.99 -4.38 43.62
N GLU B 445 -4.10 -5.01 43.25
CA GLU B 445 -4.96 -5.70 44.21
C GLU B 445 -4.30 -6.96 44.76
N ALA B 446 -3.74 -7.76 43.86
CA ALA B 446 -3.09 -9.00 44.25
C ALA B 446 -1.97 -8.75 45.25
N TYR B 447 -1.18 -7.72 45.00
CA TYR B 447 -0.06 -7.37 45.87
C TYR B 447 -0.52 -6.67 47.15
N THR B 448 -1.23 -5.56 46.99
CA THR B 448 -1.71 -4.81 48.13
C THR B 448 -2.34 -5.75 49.17
N PHE B 449 -3.45 -6.37 48.80
CA PHE B 449 -4.17 -7.27 49.69
C PHE B 449 -3.40 -8.54 50.05
N THR B 450 -2.08 -8.53 49.82
CA THR B 450 -1.24 -9.68 50.13
C THR B 450 0.07 -9.26 50.80
N ASN B 451 0.43 -7.99 50.59
CA ASN B 451 1.66 -7.41 51.13
C ASN B 451 2.83 -7.63 50.19
N GLY B 452 2.53 -8.04 48.97
CA GLY B 452 3.58 -8.28 47.99
C GLY B 452 4.10 -9.70 48.06
N ALA B 453 3.41 -10.53 48.83
CA ALA B 453 3.80 -11.92 48.98
C ALA B 453 3.15 -12.80 47.91
N ALA B 454 2.30 -12.21 47.10
CA ALA B 454 1.59 -12.94 46.05
C ALA B 454 2.39 -13.16 44.76
N LEU B 455 2.35 -14.39 44.26
CA LEU B 455 3.00 -14.74 43.00
C LEU B 455 1.88 -14.54 42.00
N TYR B 456 1.86 -13.36 41.38
CA TYR B 456 0.83 -12.98 40.43
C TYR B 456 1.28 -12.98 38.97
N ALA B 457 0.32 -13.22 38.10
CA ALA B 457 0.52 -13.22 36.65
C ALA B 457 -0.86 -13.02 36.06
N SER B 458 -0.92 -12.41 34.88
CA SER B 458 -2.19 -12.16 34.21
C SER B 458 -2.13 -12.49 32.72
N GLY B 459 -3.29 -12.46 32.08
CA GLY B 459 -3.33 -12.74 30.65
C GLY B 459 -3.01 -11.49 29.88
N SER B 460 -3.39 -10.34 30.44
CA SER B 460 -3.14 -9.05 29.82
C SER B 460 -2.16 -8.25 30.70
N PRO B 461 -1.50 -7.25 30.11
CA PRO B 461 -0.53 -6.39 30.81
C PRO B 461 -1.04 -5.41 31.86
N PHE B 462 -0.26 -5.27 32.93
CA PHE B 462 -0.52 -4.34 34.03
C PHE B 462 0.81 -3.64 34.31
N PRO B 463 0.77 -2.35 34.67
CA PRO B 463 1.99 -1.59 34.96
C PRO B 463 2.70 -2.03 36.23
N ASN B 464 3.93 -1.56 36.42
CA ASN B 464 4.70 -1.90 37.61
C ASN B 464 4.05 -1.24 38.84
N PHE B 465 4.10 -1.93 39.97
CA PHE B 465 3.50 -1.42 41.20
C PHE B 465 4.48 -1.37 42.36
N GLU B 466 4.55 -0.22 43.02
CA GLU B 466 5.44 -0.01 44.16
C GLU B 466 4.66 -0.08 45.47
N LEU B 467 5.05 -0.98 46.35
CA LEU B 467 4.39 -1.15 47.63
C LEU B 467 5.45 -1.22 48.74
N ASN B 468 5.38 -0.28 49.67
CA ASN B 468 6.34 -0.22 50.79
C ASN B 468 7.77 -0.08 50.29
N GLY B 469 7.96 0.80 49.30
CA GLY B 469 9.29 1.02 48.75
C GLY B 469 9.81 -0.10 47.87
N HIS B 470 8.97 -1.09 47.62
CA HIS B 470 9.35 -2.23 46.78
C HIS B 470 8.62 -2.12 45.43
N THR B 471 9.36 -2.29 44.34
CA THR B 471 8.76 -2.21 43.01
C THR B 471 8.44 -3.62 42.49
N TYR B 472 7.21 -3.82 42.05
CA TYR B 472 6.79 -5.11 41.54
C TYR B 472 6.54 -5.03 40.04
N LYS B 473 6.96 -6.06 39.32
CA LYS B 473 6.77 -6.12 37.87
C LYS B 473 6.02 -7.40 37.53
N PRO B 474 4.68 -7.34 37.52
CA PRO B 474 3.85 -8.51 37.21
C PRO B 474 4.03 -8.99 35.77
N GLY B 475 4.16 -10.30 35.60
CA GLY B 475 4.34 -10.87 34.27
C GLY B 475 3.04 -11.27 33.60
N GLN B 476 3.12 -11.53 32.29
CA GLN B 476 1.95 -11.93 31.51
C GLN B 476 2.13 -13.32 30.92
N GLY B 477 1.11 -14.15 31.06
CA GLY B 477 1.18 -15.51 30.52
C GLY B 477 0.86 -15.47 29.04
N ASN B 478 1.76 -14.87 28.28
CA ASN B 478 1.60 -14.73 26.83
C ASN B 478 2.05 -16.00 26.07
N ASN B 479 1.16 -16.54 25.25
CA ASN B 479 1.45 -17.74 24.48
C ASN B 479 2.74 -17.58 23.65
N ALA B 480 3.10 -16.33 23.34
CA ALA B 480 4.30 -16.04 22.56
C ALA B 480 5.60 -16.60 23.14
N TYR B 481 5.58 -17.01 24.41
CA TYR B 481 6.79 -17.59 25.01
C TYR B 481 6.97 -19.05 24.57
N ILE B 482 5.87 -19.68 24.17
CA ILE B 482 5.85 -21.09 23.80
C ILE B 482 5.73 -21.51 22.31
N PHE B 483 4.72 -21.02 21.60
CA PHE B 483 4.56 -21.46 20.22
C PHE B 483 5.71 -21.18 19.25
N PRO B 484 6.40 -20.03 19.34
CA PRO B 484 7.49 -19.81 18.39
C PRO B 484 8.54 -20.90 18.49
N GLY B 485 8.91 -21.26 19.72
CA GLY B 485 9.91 -22.28 19.94
C GLY B 485 9.40 -23.65 19.55
N VAL B 486 8.18 -23.99 19.95
CA VAL B 486 7.61 -25.28 19.59
C VAL B 486 7.57 -25.40 18.06
N ALA B 487 7.17 -24.32 17.39
CA ALA B 487 7.12 -24.32 15.92
C ALA B 487 8.51 -24.58 15.34
N LEU B 488 9.50 -23.79 15.77
CA LEU B 488 10.88 -23.92 15.27
C LEU B 488 11.42 -25.34 15.43
N GLY B 489 11.31 -25.88 16.64
CA GLY B 489 11.80 -27.23 16.87
C GLY B 489 11.07 -28.24 16.00
N THR B 490 9.76 -28.10 15.91
CA THR B 490 8.96 -29.03 15.12
C THR B 490 9.33 -29.01 13.64
N ILE B 491 9.46 -27.81 13.10
CA ILE B 491 9.82 -27.63 11.70
C ILE B 491 11.22 -28.14 11.41
N LEU B 492 12.20 -27.58 12.11
CA LEU B 492 13.58 -27.94 11.86
C LEU B 492 13.93 -29.42 11.94
N PHE B 493 13.41 -30.13 12.93
CA PHE B 493 13.73 -31.55 13.08
C PHE B 493 12.63 -32.47 12.60
N GLN B 494 11.72 -31.92 11.80
CA GLN B 494 10.61 -32.70 11.24
C GLN B 494 9.98 -33.66 12.24
N ILE B 495 9.55 -33.12 13.37
CA ILE B 495 8.91 -33.91 14.41
C ILE B 495 7.54 -34.37 13.91
N ARG B 496 7.30 -35.67 13.96
CA ARG B 496 6.05 -36.24 13.46
C ARG B 496 4.77 -35.67 14.06
N HIS B 497 4.73 -35.59 15.39
CA HIS B 497 3.57 -35.10 16.09
C HIS B 497 3.99 -34.31 17.33
N VAL B 498 3.17 -33.36 17.74
CA VAL B 498 3.48 -32.55 18.92
C VAL B 498 2.55 -32.98 20.05
N ASP B 499 3.09 -33.46 21.16
CA ASP B 499 2.25 -33.90 22.27
C ASP B 499 2.54 -33.14 23.57
N ASN B 500 1.77 -33.45 24.61
CA ASN B 500 1.94 -32.80 25.91
C ASN B 500 3.37 -32.73 26.39
N ASP B 501 4.09 -33.84 26.34
CA ASP B 501 5.46 -33.85 26.79
C ASP B 501 6.30 -32.77 26.14
N LEU B 502 6.08 -32.53 24.85
CA LEU B 502 6.86 -31.50 24.17
C LEU B 502 6.48 -30.11 24.69
N PHE B 503 5.19 -29.87 24.90
CA PHE B 503 4.77 -28.58 25.45
C PHE B 503 5.33 -28.43 26.86
N LEU B 504 5.26 -29.50 27.64
CA LEU B 504 5.79 -29.49 28.99
C LEU B 504 7.27 -29.16 28.94
N LEU B 505 7.95 -29.72 27.95
CA LEU B 505 9.38 -29.48 27.78
C LEU B 505 9.61 -28.02 27.45
N ALA B 506 8.73 -27.44 26.64
CA ALA B 506 8.84 -26.03 26.27
C ALA B 506 8.56 -25.22 27.54
N ALA B 507 7.58 -25.67 28.32
CA ALA B 507 7.19 -25.01 29.56
C ALA B 507 8.38 -24.97 30.54
N LYS B 508 9.07 -26.10 30.67
CA LYS B 508 10.21 -26.17 31.58
C LYS B 508 11.36 -25.29 31.12
N LYS B 509 11.50 -25.10 29.81
CA LYS B 509 12.59 -24.28 29.31
C LYS B 509 12.31 -22.82 29.63
N VAL B 510 11.09 -22.37 29.38
CA VAL B 510 10.74 -20.98 29.67
C VAL B 510 10.97 -20.71 31.17
N ALA B 511 10.49 -21.61 32.01
CA ALA B 511 10.65 -21.47 33.45
C ALA B 511 12.11 -21.30 33.84
N SER B 512 12.97 -22.09 33.22
CA SER B 512 14.39 -22.03 33.52
C SER B 512 15.10 -20.75 33.10
N CYS B 513 14.52 -20.01 32.14
CA CYS B 513 15.16 -18.77 31.69
C CYS B 513 14.76 -17.56 32.52
N VAL B 514 14.01 -17.79 33.60
CA VAL B 514 13.59 -16.70 34.48
C VAL B 514 14.73 -16.44 35.46
N THR B 515 15.32 -15.25 35.39
CA THR B 515 16.42 -14.89 36.26
C THR B 515 15.99 -14.66 37.71
N GLU B 516 16.93 -14.72 38.64
CA GLU B 516 16.62 -14.51 40.04
C GLU B 516 16.13 -13.08 40.26
N ASP B 517 16.78 -12.13 39.62
CA ASP B 517 16.38 -10.73 39.75
C ASP B 517 14.91 -10.53 39.36
N SER B 518 14.48 -11.14 38.25
CA SER B 518 13.10 -11.01 37.82
C SER B 518 12.18 -11.60 38.88
N LEU B 519 12.64 -12.68 39.48
CA LEU B 519 11.87 -13.36 40.50
C LEU B 519 11.76 -12.50 41.75
N LYS B 520 12.82 -11.76 42.07
CA LYS B 520 12.80 -10.90 43.26
C LYS B 520 11.80 -9.77 43.06
N VAL B 521 11.47 -9.51 41.80
CA VAL B 521 10.53 -8.46 41.45
C VAL B 521 9.13 -9.05 41.22
N GLY B 522 8.94 -10.30 41.59
CA GLY B 522 7.65 -10.94 41.42
C GLY B 522 7.30 -11.34 40.00
N ARG B 523 8.24 -11.22 39.07
CA ARG B 523 7.97 -11.61 37.70
C ARG B 523 8.27 -13.09 37.49
N VAL B 524 7.25 -13.88 37.14
CA VAL B 524 7.43 -15.32 36.94
C VAL B 524 7.53 -15.74 35.47
N TYR B 525 7.87 -14.80 34.59
CA TYR B 525 8.04 -15.07 33.16
C TYR B 525 9.28 -14.29 32.68
N PRO B 526 9.99 -14.83 31.68
CA PRO B 526 11.19 -14.18 31.15
C PRO B 526 10.85 -12.87 30.43
N GLN B 527 11.88 -12.12 30.05
CA GLN B 527 11.65 -10.88 29.33
C GLN B 527 11.24 -11.19 27.89
N LEU B 528 10.29 -10.43 27.37
CA LEU B 528 9.80 -10.61 26.01
C LEU B 528 10.92 -10.61 24.97
N LYS B 529 11.96 -9.82 25.22
CA LYS B 529 13.08 -9.75 24.28
C LYS B 529 13.96 -10.99 24.26
N GLU B 530 13.75 -11.90 25.20
CA GLU B 530 14.56 -13.11 25.26
C GLU B 530 13.92 -14.30 24.53
N ILE B 531 12.76 -14.08 23.93
CA ILE B 531 12.06 -15.16 23.25
C ILE B 531 12.82 -15.80 22.08
N ARG B 532 13.51 -15.00 21.27
CA ARG B 532 14.26 -15.60 20.18
C ARG B 532 15.24 -16.62 20.73
N GLU B 533 15.92 -16.25 21.81
CA GLU B 533 16.91 -17.15 22.41
C GLU B 533 16.19 -18.33 23.04
N ILE B 534 15.07 -18.06 23.72
CA ILE B 534 14.30 -19.13 24.34
C ILE B 534 13.84 -20.14 23.27
N SER B 535 13.37 -19.64 22.13
CA SER B 535 12.90 -20.49 21.04
C SER B 535 13.99 -21.45 20.55
N ILE B 536 15.21 -20.94 20.43
CA ILE B 536 16.34 -21.76 19.97
C ILE B 536 16.65 -22.85 20.97
N GLN B 537 16.56 -22.51 22.26
CA GLN B 537 16.82 -23.47 23.33
C GLN B 537 15.75 -24.55 23.35
N ILE B 538 14.51 -24.14 23.11
CA ILE B 538 13.41 -25.08 23.10
C ILE B 538 13.56 -26.06 21.93
N ALA B 539 13.93 -25.54 20.77
CA ALA B 539 14.11 -26.37 19.58
C ALA B 539 15.17 -27.44 19.84
N VAL B 540 16.29 -27.02 20.42
CA VAL B 540 17.38 -27.95 20.75
C VAL B 540 16.90 -29.01 21.74
N GLU B 541 16.19 -28.58 22.78
CA GLU B 541 15.66 -29.50 23.79
C GLU B 541 14.68 -30.49 23.16
N MET B 542 13.84 -29.99 22.26
CA MET B 542 12.88 -30.83 21.56
C MET B 542 13.60 -31.89 20.73
N ALA B 543 14.65 -31.49 20.02
CA ALA B 543 15.40 -32.43 19.20
C ALA B 543 15.95 -33.56 20.06
N LYS B 544 16.58 -33.22 21.18
CA LYS B 544 17.13 -34.21 22.09
C LYS B 544 16.09 -35.23 22.52
N TYR B 545 14.93 -34.72 22.93
CA TYR B 545 13.83 -35.57 23.38
C TYR B 545 13.31 -36.45 22.25
N CYS B 546 13.14 -35.84 21.07
CA CYS B 546 12.59 -36.56 19.92
C CYS B 546 13.57 -37.51 19.24
N TYR B 547 14.86 -37.27 19.37
CA TYR B 547 15.80 -38.19 18.78
C TYR B 547 15.88 -39.40 19.69
N LYS B 548 15.63 -39.18 20.98
CA LYS B 548 15.66 -40.30 21.92
C LYS B 548 14.47 -41.23 21.74
N ASN B 549 13.28 -40.68 21.52
CA ASN B 549 12.12 -41.54 21.33
C ASN B 549 11.83 -41.78 19.85
N GLY B 550 12.75 -41.33 19.00
CA GLY B 550 12.62 -41.51 17.56
C GLY B 550 11.41 -40.89 16.89
N THR B 551 11.16 -39.61 17.13
CA THR B 551 10.02 -38.96 16.51
C THR B 551 10.45 -37.77 15.65
N ALA B 552 11.75 -37.57 15.53
CA ALA B 552 12.31 -36.51 14.70
C ALA B 552 12.71 -37.13 13.37
N ASN B 553 12.01 -36.76 12.31
CA ASN B 553 12.29 -37.30 10.98
C ASN B 553 13.55 -36.77 10.30
N LEU B 554 14.11 -35.67 10.81
CA LEU B 554 15.32 -35.13 10.20
C LEU B 554 16.41 -36.18 10.37
N TYR B 555 17.00 -36.60 9.25
CA TYR B 555 18.04 -37.63 9.26
C TYR B 555 19.31 -37.16 8.55
N PRO B 556 20.48 -37.37 9.16
CA PRO B 556 20.63 -37.98 10.48
C PRO B 556 20.60 -36.87 11.53
N GLN B 557 20.67 -37.25 12.80
CA GLN B 557 20.67 -36.24 13.86
C GLN B 557 21.88 -35.35 13.60
N PRO B 558 21.68 -34.04 13.51
CA PRO B 558 22.89 -33.26 13.27
C PRO B 558 23.88 -33.40 14.43
N GLU B 559 25.18 -33.35 14.12
CA GLU B 559 26.25 -33.48 15.11
C GLU B 559 26.14 -32.52 16.28
N ASP B 560 25.91 -31.25 15.95
CA ASP B 560 25.81 -30.19 16.95
C ASP B 560 24.44 -29.53 16.78
N LEU B 561 23.48 -29.97 17.58
CA LEU B 561 22.13 -29.43 17.50
C LEU B 561 22.03 -27.92 17.59
N GLU B 562 22.71 -27.31 18.57
CA GLU B 562 22.65 -25.87 18.76
C GLU B 562 23.27 -25.08 17.62
N LYS B 563 24.43 -25.51 17.15
CA LYS B 563 25.08 -24.84 16.03
C LYS B 563 24.19 -24.95 14.80
N TYR B 564 23.54 -26.11 14.65
CA TYR B 564 22.65 -26.35 13.52
C TYR B 564 21.44 -25.41 13.56
N VAL B 565 20.77 -25.37 14.72
CA VAL B 565 19.60 -24.50 14.86
C VAL B 565 19.95 -23.05 14.58
N ARG B 566 21.03 -22.55 15.20
CA ARG B 566 21.43 -21.16 14.99
C ARG B 566 21.75 -20.83 13.54
N ALA B 567 22.11 -21.84 12.74
CA ALA B 567 22.41 -21.60 11.34
C ALA B 567 21.13 -21.58 10.50
N GLN B 568 20.05 -22.12 11.04
CA GLN B 568 18.78 -22.18 10.31
C GLN B 568 17.87 -20.99 10.55
N VAL B 569 17.93 -20.40 11.75
CA VAL B 569 17.04 -19.28 12.08
C VAL B 569 17.20 -18.06 11.18
N TYR B 570 16.10 -17.33 11.02
CA TYR B 570 16.07 -16.15 10.18
C TYR B 570 16.99 -15.05 10.65
N ASN B 571 17.67 -14.41 9.69
CA ASN B 571 18.58 -13.32 9.97
C ASN B 571 17.99 -12.05 9.38
N THR B 572 17.81 -11.03 10.22
CA THR B 572 17.22 -9.76 9.78
C THR B 572 18.16 -8.87 8.97
N GLU B 573 19.44 -9.17 8.97
CA GLU B 573 20.36 -8.32 8.22
C GLU B 573 20.31 -8.59 6.72
N TYR B 574 20.50 -7.54 5.93
CA TYR B 574 20.48 -7.62 4.48
C TYR B 574 21.57 -8.59 4.01
N GLU B 575 21.31 -9.25 2.90
CA GLU B 575 22.28 -10.19 2.34
C GLU B 575 22.62 -9.79 0.91
N GLU B 576 23.69 -10.37 0.37
CA GLU B 576 24.08 -10.09 -1.02
C GLU B 576 23.10 -10.79 -1.94
N LEU B 577 22.73 -10.12 -3.02
CA LEU B 577 21.79 -10.68 -3.98
C LEU B 577 22.53 -10.95 -5.28
N ILE B 578 23.81 -10.65 -5.27
CA ILE B 578 24.65 -10.83 -6.45
C ILE B 578 25.63 -11.97 -6.24
N ASN B 579 25.78 -12.80 -7.26
CA ASN B 579 26.67 -13.96 -7.20
C ASN B 579 28.09 -13.66 -6.80
N ALA B 580 28.62 -14.49 -5.91
CA ALA B 580 30.00 -14.31 -5.50
C ALA B 580 30.81 -14.93 -6.63
N THR B 581 31.90 -14.27 -7.03
CA THR B 581 32.73 -14.82 -8.09
C THR B 581 34.07 -15.26 -7.50
N TYR B 582 34.69 -16.25 -8.13
CA TYR B 582 35.96 -16.78 -7.65
C TYR B 582 36.86 -17.25 -8.78
N ASP B 583 38.17 -17.14 -8.56
CA ASP B 583 39.16 -17.53 -9.54
C ASP B 583 39.37 -19.03 -9.60
N TRP B 584 39.94 -19.47 -10.71
CA TRP B 584 40.31 -20.86 -10.95
C TRP B 584 41.80 -20.73 -11.22
N PRO B 585 42.54 -21.86 -11.24
CA PRO B 585 43.97 -21.69 -11.52
C PRO B 585 44.08 -20.86 -12.80
N GLU B 586 45.04 -19.95 -12.86
CA GLU B 586 45.22 -19.11 -14.04
C GLU B 586 45.20 -19.90 -15.36
N GLN B 587 46.09 -20.87 -15.46
CA GLN B 587 46.20 -21.70 -16.64
C GLN B 587 44.85 -22.21 -17.14
N ASP B 588 43.89 -22.40 -16.23
CA ASP B 588 42.59 -22.95 -16.59
C ASP B 588 41.41 -21.99 -16.86
N MET B 589 41.68 -20.69 -16.90
CA MET B 589 40.61 -19.74 -17.19
C MET B 589 40.86 -19.07 -18.54
N ARG B 590 42.05 -19.31 -19.09
CA ARG B 590 42.43 -18.72 -20.37
C ARG B 590 41.50 -19.13 -21.51
N HIS B 591 41.10 -18.14 -22.31
CA HIS B 591 40.23 -18.36 -23.46
C HIS B 591 41.11 -18.69 -24.67
N GLY B 592 40.49 -19.18 -25.75
CA GLY B 592 41.24 -19.51 -26.95
C GLY B 592 42.05 -20.79 -26.84
N PHE B 593 42.65 -21.22 -27.95
CA PHE B 593 43.46 -22.43 -27.99
C PHE B 593 44.67 -22.35 -27.07
C1 TTN C . -11.54 -2.65 -4.77
C2 TTN C . -12.62 -1.79 -4.09
C3 TTN C . -12.18 -1.44 -2.68
O1 TTN C . -10.40 -2.21 -4.96
O2 TTN C . -11.80 -3.81 -5.15
O3 TTN C . -13.86 -2.52 -4.03
O4 TTN C . -11.49 -0.43 -2.49
O5 TTN C . -12.50 -2.16 -1.72
PA NAI D . 5.36 36.04 -11.06
O1A NAI D . 6.42 36.26 -9.88
O2A NAI D . 6.14 35.52 -12.36
O5B NAI D . 4.63 37.42 -11.40
C5B NAI D . 3.92 38.23 -10.45
C4B NAI D . 3.73 39.62 -11.06
O4B NAI D . 2.84 40.43 -10.25
C3B NAI D . 5.03 40.44 -11.22
O3B NAI D . 5.01 41.16 -12.45
C2B NAI D . 4.99 41.36 -10.02
O2B NAI D . 5.81 42.51 -10.21
C1B NAI D . 3.50 41.66 -9.93
N9A NAI D . 3.12 42.08 -8.57
C8A NAI D . 3.36 41.62 -7.27
N7A NAI D . 2.86 42.22 -6.15
C5A NAI D . 2.14 43.31 -6.78
C6A NAI D . 1.26 44.40 -6.27
N6A NAI D . 1.04 44.66 -5.06
N1A NAI D . 0.71 45.32 -7.17
C2A NAI D . 0.83 45.20 -8.60
N3A NAI D . 1.59 44.25 -9.27
C4A NAI D . 2.27 43.19 -8.30
O3 NAI D . 4.29 35.01 -10.59
PN NAI D . 3.55 34.22 -11.71
O1N NAI D . 4.39 32.92 -12.10
O2N NAI D . 3.33 35.11 -13.03
O5D NAI D . 2.13 33.80 -11.13
C5D NAI D . 1.15 34.80 -10.73
C4D NAI D . -0.13 34.15 -10.24
O4D NAI D . -0.75 33.41 -11.30
C3D NAI D . 0.05 33.16 -9.04
O3D NAI D . -0.74 33.52 -7.90
C2D NAI D . -0.29 31.80 -9.66
O2D NAI D . -0.83 30.89 -8.69
C1D NAI D . -1.28 32.18 -10.78
N1N NAI D . -1.36 31.12 -11.86
C2N NAI D . -0.29 30.33 -12.16
C3N NAI D . -0.32 29.33 -13.16
C7N NAI D . 0.86 28.44 -13.52
O7N NAI D . 2.04 28.73 -13.28
N7N NAI D . 0.69 27.25 -14.09
C4N NAI D . -1.55 29.17 -13.86
C5N NAI D . -2.67 30.00 -13.56
C6N NAI D . -2.52 30.97 -12.54
C1 TTN E . 12.28 2.72 4.37
C2 TTN E . 12.32 3.60 5.63
C3 TTN E . 11.08 4.47 5.69
O1 TTN E . 13.16 2.81 3.52
O2 TTN E . 11.35 1.93 4.21
O3 TTN E . 13.50 4.40 5.63
O4 TTN E . 10.00 3.98 6.04
O5 TTN E . 11.13 5.67 5.34
PA NAI F . -15.13 -20.23 28.05
O1A NAI F . -16.61 -19.82 27.60
O2A NAI F . -14.73 -21.60 27.32
O5B NAI F . -15.07 -20.42 29.64
C5B NAI F . -15.74 -19.55 30.59
C4B NAI F . -15.99 -20.35 31.89
O4B NAI F . -16.22 -19.43 33.00
C3B NAI F . -17.24 -21.27 31.85
O3B NAI F . -16.97 -22.51 32.53
C2B NAI F . -18.29 -20.44 32.55
O2B NAI F . -19.36 -21.25 33.04
C1B NAI F . -17.47 -19.77 33.62
N9A NAI F . -18.13 -18.53 34.13
C8A NAI F . -18.78 -17.45 33.53
N7A NAI F . -19.34 -16.42 34.22
C5A NAI F . -19.02 -16.87 35.55
C6A NAI F . -19.30 -16.36 36.90
N6A NAI F . -19.90 -15.23 37.17
N1A NAI F . -18.86 -17.01 38.01
C2A NAI F . -18.18 -18.24 37.93
N3A NAI F . -17.82 -18.90 36.79
C4A NAI F . -18.31 -18.20 35.49
O3 NAI F . -14.17 -19.07 27.64
PN NAI F . -12.66 -19.43 27.62
O1N NAI F . -12.23 -19.79 26.12
O2N NAI F . -12.31 -20.65 28.57
O5D NAI F . -11.84 -18.15 28.11
C5D NAI F . -12.00 -17.57 29.42
C4D NAI F . -11.01 -16.42 29.60
O4D NAI F . -9.65 -16.88 29.37
C3D NAI F . -11.22 -15.24 28.62
O3D NAI F . -11.30 -13.99 29.28
C2D NAI F . -10.03 -15.35 27.68
O2D NAI F . -9.72 -14.08 27.08
C1D NAI F . -8.95 -15.89 28.61
N1N NAI F . -7.76 -16.48 27.86
C2N NAI F . -7.90 -17.04 26.62
C3N NAI F . -6.80 -17.58 25.89
C7N NAI F . -6.94 -18.21 24.52
O7N NAI F . -8.01 -18.58 24.04
N7N NAI F . -5.89 -18.40 23.73
C4N NAI F . -5.52 -17.52 26.52
C5N NAI F . -5.37 -16.94 27.81
C6N NAI F . -6.53 -16.42 28.45
#